data_8XHR
#
_entry.id   8XHR
#
_cell.length_a   59.960
_cell.length_b   91.530
_cell.length_c   85.060
_cell.angle_alpha   90.00
_cell.angle_beta   101.00
_cell.angle_gamma   90.00
#
_symmetry.space_group_name_H-M   'P 1 21 1'
#
loop_
_entity.id
_entity.type
_entity.pdbx_description
1 polymer 'Nucleotidyl transferase AbiEii/AbiGii toxin family protein'
2 non-polymer "CYTIDINE-5'-TRIPHOSPHATE"
3 water water
#
_entity_poly.entity_id   1
_entity_poly.type   'polypeptide(L)'
_entity_poly.pdbx_seq_one_letter_code
;MTKPYSSPPTNLRSLRDRLTQVAERQGVVFGRLQRHVAMIVVAQFAATLTDDTGAPLLLVKGGSSLELRRGIPDSRTSKA
FDTVARRDIELIHEQLADAGETGWEGFTAIFTAPEEIDVPGMPVKPRRFTAKLSYRGRAFATVPIEVSSVEAGNADQFDT
LTSDALGLVGVPAAVAVPCMTIPWQIAQKLHAVTAVLEEPKVNDRAHDLVDLQLLEGLLLDADLMPTRSACIAIFEARAQ
HPWPPRVATLPHWPLIYAGALEGLDHLELARTVDAAAQAVQRFVARIDRATKRLEHHHHHH
;
_entity_poly.pdbx_strand_id   A,B,C
#
loop_
_chem_comp.id
_chem_comp.type
_chem_comp.name
_chem_comp.formula
CTP non-polymer CYTIDINE-5'-TRIPHOSPHATE 'C9 H16 N3 O14 P3'
#
# COMPACT_ATOMS: atom_id res chain seq x y z
N PRO A 4 29.69 -19.33 20.16
CA PRO A 4 29.83 -17.96 19.64
C PRO A 4 31.26 -17.66 19.21
N TYR A 5 31.43 -17.19 17.97
CA TYR A 5 32.76 -16.92 17.43
C TYR A 5 33.20 -15.49 17.75
N SER A 6 34.49 -15.35 18.08
CA SER A 6 35.09 -14.11 18.55
C SER A 6 35.42 -13.13 17.43
N SER A 7 35.42 -13.60 16.19
CA SER A 7 36.01 -12.90 15.06
C SER A 7 35.54 -13.58 13.79
N PRO A 8 35.73 -12.92 12.64
CA PRO A 8 35.18 -13.45 11.38
C PRO A 8 36.01 -14.62 10.89
N PRO A 9 35.48 -15.47 10.03
CA PRO A 9 36.30 -16.56 9.49
C PRO A 9 37.48 -15.98 8.74
N THR A 10 38.66 -16.58 8.93
CA THR A 10 39.84 -16.04 8.27
C THR A 10 39.83 -16.29 6.77
N ASN A 11 39.13 -17.34 6.32
CA ASN A 11 39.07 -17.59 4.88
C ASN A 11 37.87 -18.48 4.56
N LEU A 12 37.74 -18.78 3.27
CA LEU A 12 36.57 -19.51 2.80
C LEU A 12 36.47 -20.87 3.46
N ARG A 13 37.62 -21.55 3.65
CA ARG A 13 37.61 -22.84 4.30
C ARG A 13 36.98 -22.72 5.68
N SER A 14 37.38 -21.71 6.44
CA SER A 14 36.83 -21.54 7.78
C SER A 14 35.34 -21.17 7.70
N LEU A 15 34.96 -20.35 6.74
CA LEU A 15 33.54 -20.02 6.60
C LEU A 15 32.71 -21.27 6.34
N ARG A 16 33.16 -22.12 5.41
CA ARG A 16 32.41 -23.35 5.14
C ARG A 16 32.37 -24.25 6.37
N ASP A 17 33.50 -24.43 7.05
CA ASP A 17 33.49 -25.24 8.27
C ASP A 17 32.49 -24.68 9.27
N ARG A 18 32.49 -23.35 9.47
CA ARG A 18 31.53 -22.75 10.38
C ARG A 18 30.08 -22.93 9.90
N LEU A 19 29.85 -22.77 8.60
CA LEU A 19 28.52 -23.01 8.07
C LEU A 19 28.06 -24.45 8.36
N THR A 20 28.95 -25.41 8.17
CA THR A 20 28.64 -26.81 8.49
C THR A 20 28.26 -26.94 9.95
N GLN A 21 29.05 -26.32 10.83
CA GLN A 21 28.76 -26.35 12.24
C GLN A 21 27.40 -25.76 12.55
N VAL A 22 27.08 -24.58 12.02
CA VAL A 22 25.78 -23.98 12.32
C VAL A 22 24.65 -24.81 11.70
N ALA A 23 24.88 -25.38 10.52
CA ALA A 23 23.84 -26.15 9.86
C ALA A 23 23.41 -27.34 10.71
N GLU A 24 24.39 -28.08 11.26
CA GLU A 24 24.09 -29.23 12.12
C GLU A 24 23.39 -28.80 13.39
N ARG A 25 23.87 -27.74 14.04
CA ARG A 25 23.24 -27.28 15.27
C ARG A 25 21.80 -26.87 15.01
N GLN A 26 21.58 -26.10 13.93
CA GLN A 26 20.24 -25.71 13.51
C GLN A 26 19.49 -26.84 12.83
N GLY A 27 20.17 -27.91 12.43
CA GLY A 27 19.51 -29.02 11.75
C GLY A 27 18.95 -28.71 10.39
N VAL A 28 19.63 -27.87 9.61
CA VAL A 28 19.27 -27.57 8.24
C VAL A 28 20.37 -28.12 7.33
N VAL A 29 20.10 -28.16 6.04
CA VAL A 29 21.08 -28.74 5.13
C VAL A 29 22.11 -27.67 4.81
N PHE A 30 23.38 -28.05 4.83
CA PHE A 30 24.46 -27.09 4.60
C PHE A 30 24.24 -26.26 3.34
N GLY A 31 23.84 -26.90 2.23
CA GLY A 31 23.73 -26.19 0.96
C GLY A 31 22.59 -25.20 0.92
N ARG A 32 21.53 -25.46 1.69
CA ARG A 32 20.46 -24.46 1.85
C ARG A 32 20.97 -23.26 2.64
N LEU A 33 21.65 -23.53 3.76
CA LEU A 33 22.18 -22.44 4.60
C LEU A 33 23.17 -21.60 3.82
N GLN A 34 24.06 -22.25 3.07
CA GLN A 34 25.04 -21.55 2.25
C GLN A 34 24.36 -20.67 1.19
N ARG A 35 23.31 -21.17 0.53
CA ARG A 35 22.52 -20.33 -0.37
C ARG A 35 21.92 -19.16 0.37
N HIS A 36 21.33 -19.44 1.55
CA HIS A 36 20.71 -18.38 2.34
C HIS A 36 21.73 -17.30 2.69
N VAL A 37 22.91 -17.71 3.15
CA VAL A 37 23.94 -16.75 3.56
C VAL A 37 24.40 -15.94 2.36
N ALA A 38 24.59 -16.58 1.21
CA ALA A 38 25.00 -15.87 0.02
C ALA A 38 23.95 -14.85 -0.41
N MET A 39 22.67 -15.18 -0.24
CA MET A 39 21.59 -14.25 -0.57
C MET A 39 21.58 -13.07 0.37
N ILE A 40 21.82 -13.31 1.66
CA ILE A 40 21.94 -12.21 2.60
C ILE A 40 23.08 -11.28 2.19
N VAL A 41 24.22 -11.86 1.80
CA VAL A 41 25.36 -11.04 1.40
C VAL A 41 25.00 -10.18 0.20
N VAL A 42 24.35 -10.79 -0.80
CA VAL A 42 23.90 -10.05 -1.97
C VAL A 42 22.94 -8.92 -1.56
N ALA A 43 22.08 -9.20 -0.58
CA ALA A 43 21.15 -8.18 -0.11
C ALA A 43 21.88 -6.98 0.46
N GLN A 44 23.07 -7.19 1.04
CA GLN A 44 23.81 -6.09 1.64
C GLN A 44 24.41 -5.18 0.56
N PHE A 45 24.84 -5.76 -0.56
CA PHE A 45 25.17 -4.95 -1.72
C PHE A 45 23.93 -4.22 -2.23
N ALA A 46 22.82 -4.93 -2.36
CA ALA A 46 21.61 -4.32 -2.92
C ALA A 46 21.11 -3.18 -2.06
N ALA A 47 21.29 -3.30 -0.73
CA ALA A 47 20.74 -2.31 0.19
C ALA A 47 21.45 -0.98 0.09
N THR A 48 22.65 -0.94 -0.52
CA THR A 48 23.37 0.29 -0.76
C THR A 48 22.74 1.14 -1.86
N LEU A 49 21.80 0.58 -2.63
CA LEU A 49 21.12 1.30 -3.70
C LEU A 49 19.93 2.03 -3.10
N THR A 50 19.97 3.37 -3.14
CA THR A 50 18.98 4.22 -2.47
C THR A 50 18.65 5.45 -3.30
N ASP A 51 17.43 5.96 -3.13
CA ASP A 51 17.05 7.17 -3.81
C ASP A 51 17.56 8.38 -3.03
N ASP A 52 17.30 9.57 -3.54
CA ASP A 52 17.72 10.78 -2.83
C ASP A 52 17.17 10.94 -1.40
N THR A 53 16.26 10.07 -0.95
CA THR A 53 15.84 10.18 0.44
C THR A 53 16.37 9.05 1.32
N GLY A 54 17.28 8.23 0.80
CA GLY A 54 17.74 7.08 1.57
C GLY A 54 16.88 5.85 1.49
N ALA A 55 15.76 5.89 0.75
CA ALA A 55 14.89 4.73 0.63
C ALA A 55 15.42 3.74 -0.41
N PRO A 56 15.20 2.43 -0.19
CA PRO A 56 15.79 1.42 -1.09
C PRO A 56 15.23 1.51 -2.50
N LEU A 57 16.10 1.26 -3.47
CA LEU A 57 15.68 1.09 -4.86
C LEU A 57 15.23 -0.34 -5.17
N LEU A 58 15.54 -1.29 -4.30
CA LEU A 58 15.25 -2.71 -4.56
C LEU A 58 14.62 -3.34 -3.34
N LEU A 59 13.49 -4.01 -3.54
CA LEU A 59 12.84 -4.77 -2.47
C LEU A 59 12.85 -6.23 -2.85
N VAL A 60 13.21 -7.09 -1.88
CA VAL A 60 13.15 -8.54 -2.08
C VAL A 60 11.68 -8.99 -2.09
N LYS A 61 11.36 -9.91 -2.99
CA LYS A 61 10.03 -10.52 -3.01
C LYS A 61 10.18 -12.01 -3.30
N GLY A 62 9.05 -12.65 -3.61
CA GLY A 62 8.94 -14.05 -3.99
C GLY A 62 9.47 -15.00 -2.94
N GLY A 63 9.98 -16.16 -3.40
CA GLY A 63 10.41 -17.18 -2.47
C GLY A 63 11.51 -16.71 -1.55
N SER A 64 12.40 -15.86 -2.05
CA SER A 64 13.45 -15.33 -1.21
C SER A 64 12.87 -14.51 -0.06
N SER A 65 11.81 -13.75 -0.34
CA SER A 65 11.12 -13.02 0.72
C SER A 65 10.54 -13.97 1.77
N LEU A 66 9.90 -15.06 1.33
CA LEU A 66 9.29 -16.00 2.29
C LEU A 66 10.36 -16.64 3.18
N GLU A 67 11.48 -17.05 2.60
CA GLU A 67 12.56 -17.62 3.40
C GLU A 67 13.01 -16.64 4.49
N LEU A 68 13.18 -15.36 4.13
CA LEU A 68 13.60 -14.36 5.11
C LEU A 68 12.57 -14.20 6.20
N ARG A 69 11.29 -14.17 5.83
CA ARG A 69 10.24 -13.95 6.82
C ARG A 69 9.95 -15.18 7.66
N ARG A 70 10.10 -16.39 7.11
CA ARG A 70 9.64 -17.57 7.83
C ARG A 70 10.76 -18.43 8.37
N GLY A 71 11.95 -18.37 7.77
CA GLY A 71 13.07 -19.22 8.11
C GLY A 71 13.25 -20.33 7.09
N ILE A 72 14.48 -20.84 7.01
CA ILE A 72 14.77 -21.98 6.13
C ILE A 72 13.89 -23.18 6.43
N PRO A 73 13.63 -23.56 7.70
CA PRO A 73 12.82 -24.76 7.96
C PRO A 73 11.39 -24.67 7.43
N ASP A 74 10.83 -23.47 7.38
CA ASP A 74 9.41 -23.26 7.17
C ASP A 74 9.11 -22.61 5.82
N SER A 75 9.96 -22.87 4.82
CA SER A 75 9.81 -22.23 3.52
C SER A 75 10.42 -23.11 2.45
N ARG A 76 9.97 -22.90 1.21
CA ARG A 76 10.55 -23.66 0.10
C ARG A 76 11.96 -23.14 -0.20
N THR A 77 12.75 -23.99 -0.86
CA THR A 77 14.00 -23.55 -1.44
C THR A 77 13.73 -22.39 -2.39
N SER A 78 14.33 -21.23 -2.10
CA SER A 78 14.21 -20.10 -3.01
C SER A 78 15.17 -20.24 -4.18
N LYS A 79 14.70 -19.89 -5.36
CA LYS A 79 15.51 -20.13 -6.53
C LYS A 79 16.37 -18.93 -6.89
N ALA A 80 15.96 -17.72 -6.47
CA ALA A 80 16.73 -16.55 -6.83
C ALA A 80 16.56 -15.50 -5.73
N PHE A 81 17.49 -14.54 -5.72
CA PHE A 81 17.29 -13.29 -5.01
C PHE A 81 16.40 -12.43 -5.92
N ASP A 82 15.11 -12.45 -5.64
CA ASP A 82 14.07 -11.89 -6.51
C ASP A 82 13.66 -10.51 -6.01
N THR A 83 13.60 -9.53 -6.91
CA THR A 83 13.37 -8.17 -6.45
C THR A 83 12.46 -7.39 -7.37
N VAL A 84 11.82 -6.42 -6.81
CA VAL A 84 11.21 -5.33 -7.57
C VAL A 84 12.15 -4.13 -7.48
N ALA A 85 12.32 -3.44 -8.60
CA ALA A 85 13.27 -2.33 -8.71
C ALA A 85 12.53 -1.04 -9.05
N ARG A 86 12.91 0.05 -8.41
CA ARG A 86 12.32 1.36 -8.68
C ARG A 86 13.10 2.18 -9.71
N ARG A 87 14.15 1.61 -10.30
CA ARG A 87 14.92 2.24 -11.37
C ARG A 87 15.12 1.22 -12.47
N ASP A 88 15.56 1.70 -13.61
CA ASP A 88 15.60 0.79 -14.74
C ASP A 88 16.92 -0.01 -14.68
N ILE A 89 16.91 -1.17 -15.34
CA ILE A 89 17.87 -2.25 -15.00
C ILE A 89 19.30 -1.76 -15.13
N GLU A 90 19.57 -0.88 -16.10
CA GLU A 90 20.94 -0.45 -16.34
C GLU A 90 21.50 0.33 -15.16
N LEU A 91 20.68 1.17 -14.50
CA LEU A 91 21.16 1.86 -13.31
C LEU A 91 21.34 0.89 -12.14
N ILE A 92 20.36 0.01 -11.94
CA ILE A 92 20.47 -1.00 -10.89
C ILE A 92 21.76 -1.82 -11.06
N HIS A 93 22.02 -2.30 -12.28
CA HIS A 93 23.20 -3.15 -12.49
C HIS A 93 24.48 -2.37 -12.22
N GLU A 94 24.57 -1.15 -12.74
CA GLU A 94 25.77 -0.35 -12.56
C GLU A 94 26.06 -0.11 -11.08
N GLN A 95 25.03 0.20 -10.29
CA GLN A 95 25.27 0.42 -8.87
C GLN A 95 25.53 -0.89 -8.12
N LEU A 96 24.86 -1.97 -8.52
CA LEU A 96 25.13 -3.26 -7.89
C LEU A 96 26.58 -3.69 -8.12
N ALA A 97 27.06 -3.55 -9.36
CA ALA A 97 28.42 -3.97 -9.66
C ALA A 97 29.44 -3.15 -8.87
N ASP A 98 29.18 -1.84 -8.73
CA ASP A 98 30.07 -1.04 -7.89
C ASP A 98 30.04 -1.51 -6.45
N ALA A 99 28.85 -1.80 -5.92
CA ALA A 99 28.78 -2.30 -4.55
C ALA A 99 29.58 -3.59 -4.37
N GLY A 100 29.48 -4.50 -5.34
CA GLY A 100 30.18 -5.78 -5.24
C GLY A 100 31.68 -5.64 -5.29
N GLU A 101 32.19 -4.67 -6.06
CA GLU A 101 33.62 -4.42 -6.13
C GLU A 101 34.14 -3.87 -4.81
N THR A 102 33.39 -2.95 -4.19
CA THR A 102 33.79 -2.39 -2.89
C THR A 102 33.74 -3.45 -1.80
N GLY A 103 32.81 -4.39 -1.89
CA GLY A 103 32.74 -5.51 -0.97
C GLY A 103 32.01 -5.19 0.32
N TRP A 104 31.81 -6.23 1.12
CA TRP A 104 31.14 -6.11 2.41
C TRP A 104 31.62 -7.23 3.31
N GLU A 105 32.26 -6.88 4.41
CA GLU A 105 32.71 -7.86 5.41
C GLU A 105 33.56 -8.95 4.77
N GLY A 106 34.46 -8.56 3.87
CA GLY A 106 35.31 -9.52 3.17
C GLY A 106 34.69 -10.18 1.94
N PHE A 107 33.37 -10.05 1.72
CA PHE A 107 32.70 -10.62 0.56
C PHE A 107 32.78 -9.65 -0.61
N THR A 108 32.96 -10.17 -1.83
CA THR A 108 32.91 -9.37 -3.04
C THR A 108 32.05 -10.07 -4.09
N ALA A 109 31.61 -9.31 -5.11
CA ALA A 109 30.69 -9.87 -6.09
C ALA A 109 30.94 -9.29 -7.47
N ILE A 110 30.80 -10.16 -8.47
CA ILE A 110 30.79 -9.83 -9.88
C ILE A 110 29.41 -10.21 -10.42
N PHE A 111 28.77 -9.28 -11.13
CA PHE A 111 27.43 -9.52 -11.67
C PHE A 111 27.48 -9.71 -13.20
N THR A 112 26.87 -10.79 -13.69
CA THR A 112 26.79 -11.01 -15.13
C THR A 112 25.78 -10.04 -15.75
N ALA A 113 25.79 -9.99 -17.09
CA ALA A 113 24.94 -9.03 -17.79
C ALA A 113 23.47 -9.47 -17.71
N PRO A 114 22.55 -8.53 -17.49
CA PRO A 114 21.13 -8.90 -17.37
C PRO A 114 20.56 -9.39 -18.69
N GLU A 115 19.62 -10.32 -18.57
CA GLU A 115 18.91 -10.88 -19.70
C GLU A 115 17.41 -10.86 -19.40
N GLU A 116 16.63 -10.49 -20.41
CA GLU A 116 15.18 -10.56 -20.33
C GLU A 116 14.72 -12.00 -20.20
N ILE A 117 13.75 -12.24 -19.33
CA ILE A 117 13.20 -13.56 -19.06
C ILE A 117 11.77 -13.60 -19.56
N ASP A 118 11.32 -14.77 -20.00
CA ASP A 118 9.90 -14.95 -20.30
C ASP A 118 9.19 -15.49 -19.07
N VAL A 119 8.04 -14.90 -18.76
CA VAL A 119 7.22 -15.31 -17.63
C VAL A 119 5.77 -15.00 -17.99
N PRO A 120 5.00 -15.98 -18.46
CA PRO A 120 3.64 -15.68 -18.92
C PRO A 120 2.82 -15.05 -17.81
N GLY A 121 2.03 -14.03 -18.18
CA GLY A 121 1.14 -13.34 -17.25
C GLY A 121 1.70 -12.05 -16.67
N MET A 122 3.03 -11.86 -16.72
CA MET A 122 3.41 -10.57 -16.14
C MET A 122 3.38 -9.48 -17.19
N PRO A 123 2.94 -8.27 -16.82
CA PRO A 123 2.95 -7.16 -17.79
C PRO A 123 4.32 -6.90 -18.39
N VAL A 124 5.39 -6.94 -17.60
CA VAL A 124 6.73 -6.63 -18.10
C VAL A 124 7.64 -7.82 -17.84
N LYS A 125 8.43 -8.18 -18.85
CA LYS A 125 9.37 -9.29 -18.73
C LYS A 125 10.46 -8.91 -17.72
N PRO A 126 10.71 -9.72 -16.71
CA PRO A 126 11.79 -9.41 -15.76
C PRO A 126 13.15 -9.68 -16.39
N ARG A 127 14.19 -9.14 -15.75
CA ARG A 127 15.57 -9.38 -16.16
C ARG A 127 16.22 -10.32 -15.17
N ARG A 128 17.03 -11.25 -15.68
CA ARG A 128 17.77 -12.20 -14.86
C ARG A 128 19.25 -12.00 -15.08
N PHE A 129 20.02 -12.07 -13.98
CA PHE A 129 21.46 -12.21 -14.09
C PHE A 129 21.97 -12.98 -12.87
N THR A 130 23.29 -12.97 -12.66
CA THR A 130 23.91 -13.79 -11.63
C THR A 130 24.93 -12.97 -10.85
N ALA A 131 24.96 -13.18 -9.53
CA ALA A 131 26.03 -12.65 -8.72
C ALA A 131 27.02 -13.78 -8.40
N LYS A 132 28.29 -13.54 -8.69
CA LYS A 132 29.37 -14.49 -8.41
C LYS A 132 30.11 -13.95 -7.18
N LEU A 133 29.88 -14.58 -6.03
CA LEU A 133 30.39 -14.05 -4.76
C LEU A 133 31.70 -14.71 -4.37
N SER A 134 32.63 -13.92 -3.86
CA SER A 134 33.87 -14.43 -3.29
C SER A 134 33.97 -14.00 -1.83
N TYR A 135 34.70 -14.80 -1.06
CA TYR A 135 35.01 -14.47 0.33
C TYR A 135 36.52 -14.37 0.46
N ARG A 136 37.01 -13.15 0.68
CA ARG A 136 38.44 -12.90 0.83
C ARG A 136 39.23 -13.47 -0.34
N GLY A 137 38.65 -13.34 -1.53
CA GLY A 137 39.31 -13.70 -2.76
C GLY A 137 39.09 -15.11 -3.25
N ARG A 138 38.35 -15.94 -2.50
CA ARG A 138 38.05 -17.31 -2.93
C ARG A 138 36.57 -17.41 -3.32
N ALA A 139 36.32 -18.03 -4.47
CA ALA A 139 34.97 -18.25 -4.98
C ALA A 139 34.11 -18.96 -3.93
N PHE A 140 32.98 -18.36 -3.62
CA PHE A 140 32.11 -18.81 -2.54
C PHE A 140 30.77 -19.36 -3.03
N ALA A 141 30.08 -18.61 -3.89
CA ALA A 141 28.85 -19.12 -4.48
C ALA A 141 28.39 -18.15 -5.55
N THR A 142 27.47 -18.63 -6.38
CA THR A 142 26.78 -17.81 -7.37
C THR A 142 25.31 -17.73 -6.96
N VAL A 143 24.75 -16.53 -7.00
CA VAL A 143 23.36 -16.29 -6.64
C VAL A 143 22.62 -15.79 -7.86
N PRO A 144 21.63 -16.51 -8.38
CA PRO A 144 20.79 -15.93 -9.41
C PRO A 144 20.02 -14.76 -8.83
N ILE A 145 19.89 -13.72 -9.63
CA ILE A 145 19.17 -12.51 -9.24
C ILE A 145 18.10 -12.25 -10.30
N GLU A 146 16.90 -11.89 -9.85
CA GLU A 146 15.82 -11.49 -10.72
C GLU A 146 15.30 -10.11 -10.33
N VAL A 147 15.03 -9.28 -11.33
CA VAL A 147 14.64 -7.89 -11.14
C VAL A 147 13.41 -7.62 -11.99
N SER A 148 12.33 -7.15 -11.34
CA SER A 148 11.05 -6.80 -11.95
C SER A 148 10.79 -5.31 -11.81
N SER A 149 9.96 -4.79 -12.72
CA SER A 149 9.47 -3.42 -12.65
C SER A 149 8.42 -3.30 -11.56
N VAL A 150 8.29 -2.06 -11.04
CA VAL A 150 7.22 -1.77 -10.10
C VAL A 150 5.88 -2.00 -10.78
N GLU A 151 4.86 -2.14 -9.96
CA GLU A 151 3.53 -2.47 -10.42
C GLU A 151 2.56 -1.85 -9.44
N ALA A 152 1.70 -0.95 -9.92
CA ALA A 152 0.56 -0.52 -9.13
C ALA A 152 0.96 0.09 -7.79
N GLY A 153 2.20 0.59 -7.68
CA GLY A 153 2.66 1.12 -6.42
C GLY A 153 3.09 0.09 -5.41
N ASN A 154 3.48 -1.11 -5.86
CA ASN A 154 3.92 -2.16 -4.94
C ASN A 154 5.30 -1.92 -4.30
N ALA A 155 6.04 -0.87 -4.64
CA ALA A 155 7.29 -0.53 -3.98
C ALA A 155 7.20 0.76 -3.15
N ASP A 156 6.00 1.28 -2.94
CA ASP A 156 5.83 2.50 -2.17
C ASP A 156 5.97 2.26 -0.68
N GLN A 157 5.85 1.01 -0.23
CA GLN A 157 6.04 0.64 1.16
C GLN A 157 6.96 -0.58 1.21
N PHE A 158 7.59 -0.79 2.37
CA PHE A 158 8.43 -1.98 2.51
C PHE A 158 8.53 -2.31 3.98
N ASP A 159 8.91 -3.56 4.27
CA ASP A 159 9.30 -4.03 5.60
C ASP A 159 10.81 -4.26 5.62
N THR A 160 11.40 -4.23 6.81
CA THR A 160 12.83 -4.47 6.94
C THR A 160 13.04 -5.76 7.71
N LEU A 161 13.54 -6.76 7.00
CA LEU A 161 13.78 -8.09 7.57
C LEU A 161 15.23 -8.18 8.03
N THR A 162 15.48 -9.10 8.95
CA THR A 162 16.80 -9.37 9.46
C THR A 162 17.04 -10.86 9.51
N SER A 163 18.32 -11.24 9.46
CA SER A 163 18.76 -12.61 9.74
C SER A 163 19.95 -12.56 10.68
N ASP A 164 20.09 -13.59 11.50
CA ASP A 164 21.28 -13.74 12.32
C ASP A 164 22.23 -14.79 11.74
N ALA A 165 21.99 -15.24 10.51
CA ALA A 165 22.81 -16.31 9.95
C ALA A 165 24.28 -15.91 9.87
N LEU A 166 24.56 -14.69 9.39
CA LEU A 166 25.96 -14.27 9.33
C LEU A 166 26.55 -14.02 10.71
N GLY A 167 25.77 -13.47 11.64
CA GLY A 167 26.27 -13.35 13.00
C GLY A 167 26.69 -14.70 13.57
N LEU A 168 25.94 -15.75 13.24
CA LEU A 168 26.21 -17.08 13.77
C LEU A 168 27.50 -17.68 13.25
N VAL A 169 28.04 -17.20 12.13
CA VAL A 169 29.37 -17.60 11.71
C VAL A 169 30.42 -16.56 12.05
N GLY A 170 30.07 -15.55 12.85
CA GLY A 170 31.04 -14.55 13.30
C GLY A 170 31.23 -13.33 12.43
N VAL A 171 30.29 -13.01 11.54
CA VAL A 171 30.34 -11.78 10.74
C VAL A 171 29.35 -10.80 11.37
N PRO A 172 29.82 -9.74 12.06
CA PRO A 172 28.92 -9.00 12.96
C PRO A 172 28.11 -7.88 12.35
N ALA A 173 28.37 -7.46 11.11
CA ALA A 173 27.70 -6.28 10.59
C ALA A 173 26.18 -6.46 10.62
N ALA A 174 25.47 -5.34 10.53
CA ALA A 174 24.02 -5.40 10.60
C ALA A 174 23.46 -5.88 9.27
N VAL A 175 22.45 -6.72 9.34
CA VAL A 175 21.72 -7.16 8.15
C VAL A 175 20.39 -6.44 8.12
N ALA A 176 20.10 -5.77 7.02
CA ALA A 176 18.79 -5.14 6.84
C ALA A 176 18.33 -5.42 5.42
N VAL A 177 17.30 -6.25 5.27
CA VAL A 177 16.82 -6.61 3.95
C VAL A 177 15.45 -5.96 3.74
N PRO A 178 15.36 -4.94 2.91
CA PRO A 178 14.06 -4.36 2.54
C PRO A 178 13.26 -5.34 1.70
N CYS A 179 11.99 -5.54 2.08
CA CYS A 179 11.16 -6.56 1.47
C CYS A 179 9.78 -6.04 1.11
N MET A 180 9.32 -6.36 -0.11
CA MET A 180 7.94 -6.09 -0.50
C MET A 180 6.97 -6.59 0.58
N THR A 181 5.89 -5.83 0.81
CA THR A 181 5.00 -6.15 1.92
C THR A 181 4.18 -7.41 1.62
N ILE A 182 3.74 -8.07 2.69
CA ILE A 182 2.93 -9.27 2.54
C ILE A 182 1.65 -9.00 1.75
N PRO A 183 0.93 -7.90 1.97
CA PRO A 183 -0.27 -7.67 1.14
C PRO A 183 0.03 -7.66 -0.35
N TRP A 184 1.09 -6.95 -0.77
CA TRP A 184 1.47 -6.96 -2.19
C TRP A 184 1.88 -8.35 -2.65
N GLN A 185 2.62 -9.08 -1.82
CA GLN A 185 3.09 -10.41 -2.20
C GLN A 185 1.91 -11.36 -2.40
N ILE A 186 0.90 -11.30 -1.51
CA ILE A 186 -0.32 -12.09 -1.72
C ILE A 186 -0.97 -11.73 -3.05
N ALA A 187 -1.16 -10.43 -3.31
CA ALA A 187 -1.83 -9.98 -4.54
C ALA A 187 -1.17 -10.58 -5.79
N GLN A 188 0.16 -10.52 -5.85
CA GLN A 188 0.88 -11.04 -7.01
C GLN A 188 0.67 -12.53 -7.17
N LYS A 189 0.87 -13.30 -6.08
CA LYS A 189 0.74 -14.75 -6.17
C LYS A 189 -0.70 -15.18 -6.45
N LEU A 190 -1.68 -14.48 -5.87
CA LEU A 190 -3.07 -14.80 -6.20
C LEU A 190 -3.31 -14.60 -7.68
N HIS A 191 -2.83 -13.49 -8.27
CA HIS A 191 -2.98 -13.29 -9.69
C HIS A 191 -2.32 -14.41 -10.48
N ALA A 192 -1.10 -14.79 -10.09
CA ALA A 192 -0.32 -15.75 -10.87
C ALA A 192 -0.94 -17.13 -10.84
N VAL A 193 -1.39 -17.56 -9.65
CA VAL A 193 -1.88 -18.92 -9.57
C VAL A 193 -3.27 -19.05 -10.20
N THR A 194 -4.01 -17.94 -10.35
CA THR A 194 -5.33 -18.06 -10.99
C THR A 194 -5.34 -17.67 -12.47
N ALA A 195 -4.23 -17.16 -13.02
CA ALA A 195 -4.18 -16.80 -14.42
C ALA A 195 -4.39 -18.01 -15.34
N VAL A 196 -5.13 -17.78 -16.42
CA VAL A 196 -5.38 -18.80 -17.44
C VAL A 196 -4.61 -18.38 -18.67
N LEU A 197 -3.73 -19.27 -19.15
CA LEU A 197 -2.85 -18.97 -20.26
C LEU A 197 -3.45 -19.41 -21.59
N GLU A 198 -2.92 -18.82 -22.68
CA GLU A 198 -3.35 -19.17 -24.07
C GLU A 198 -3.28 -20.68 -24.23
N GLU A 199 -4.13 -21.26 -25.06
CA GLU A 199 -4.37 -22.70 -24.96
C GLU A 199 -3.18 -23.60 -25.29
N PRO A 200 -2.28 -23.28 -26.21
CA PRO A 200 -1.03 -24.08 -26.29
C PRO A 200 -0.31 -24.12 -24.95
N LYS A 201 -0.07 -22.95 -24.35
CA LYS A 201 0.57 -22.83 -23.05
C LYS A 201 -0.39 -23.20 -21.91
N VAL A 202 0.18 -23.63 -20.79
CA VAL A 202 -0.61 -24.00 -19.61
C VAL A 202 0.08 -23.44 -18.37
N ASN A 203 -0.72 -23.13 -17.35
CA ASN A 203 -0.24 -22.62 -16.08
C ASN A 203 0.37 -23.75 -15.27
N ASP A 204 1.63 -23.61 -14.85
CA ASP A 204 2.34 -24.64 -14.09
C ASP A 204 2.58 -24.25 -12.62
N ARG A 205 1.98 -23.16 -12.13
CA ARG A 205 2.37 -22.61 -10.82
C ARG A 205 1.64 -23.26 -9.63
N ALA A 206 1.64 -24.59 -9.55
CA ALA A 206 1.05 -25.23 -8.38
C ALA A 206 1.79 -24.86 -7.09
N HIS A 207 3.08 -24.50 -7.19
CA HIS A 207 3.82 -24.17 -5.97
C HIS A 207 3.30 -22.89 -5.29
N ASP A 208 2.63 -22.00 -6.04
CA ASP A 208 2.00 -20.84 -5.41
C ASP A 208 1.01 -21.25 -4.32
N LEU A 209 0.37 -22.43 -4.46
CA LEU A 209 -0.60 -22.87 -3.46
C LEU A 209 0.09 -23.16 -2.14
N VAL A 210 1.36 -23.58 -2.18
CA VAL A 210 2.14 -23.69 -0.96
C VAL A 210 2.46 -22.31 -0.41
N ASP A 211 3.07 -21.44 -1.24
CA ASP A 211 3.44 -20.10 -0.78
C ASP A 211 2.23 -19.34 -0.23
N LEU A 212 1.05 -19.47 -0.87
CA LEU A 212 -0.09 -18.70 -0.37
C LEU A 212 -0.56 -19.19 0.99
N GLN A 213 -0.52 -20.50 1.23
CA GLN A 213 -0.80 -20.97 2.58
C GLN A 213 0.23 -20.44 3.57
N LEU A 214 1.51 -20.43 3.18
CA LEU A 214 2.55 -19.87 4.03
C LEU A 214 2.30 -18.38 4.31
N LEU A 215 1.82 -17.65 3.30
CA LEU A 215 1.58 -16.22 3.52
C LEU A 215 0.35 -16.01 4.40
N GLU A 216 -0.67 -16.85 4.27
CA GLU A 216 -1.81 -16.71 5.15
C GLU A 216 -1.39 -16.82 6.60
N GLY A 217 -0.49 -17.75 6.90
CA GLY A 217 0.03 -17.88 8.25
C GLY A 217 0.73 -16.64 8.77
N LEU A 218 1.25 -15.80 7.89
CA LEU A 218 1.91 -14.56 8.33
C LEU A 218 0.95 -13.38 8.50
N LEU A 219 -0.18 -13.36 7.80
CA LEU A 219 -0.98 -12.15 7.69
C LEU A 219 -1.83 -11.91 8.96
N LEU A 220 -1.73 -10.71 9.53
CA LEU A 220 -2.57 -10.29 10.66
C LEU A 220 -3.88 -9.69 10.16
N ASP A 221 -4.95 -9.80 10.96
CA ASP A 221 -6.23 -9.37 10.41
C ASP A 221 -6.19 -7.90 10.08
N ALA A 222 -5.40 -7.13 10.82
CA ALA A 222 -5.35 -5.69 10.58
C ALA A 222 -4.89 -5.38 9.16
N ASP A 223 -4.21 -6.31 8.51
CA ASP A 223 -3.73 -6.13 7.14
C ASP A 223 -4.62 -6.81 6.11
N LEU A 224 -5.76 -7.37 6.53
CA LEU A 224 -6.66 -8.00 5.57
C LEU A 224 -7.24 -6.98 4.61
N MET A 225 -7.66 -5.81 5.10
CA MET A 225 -8.25 -4.83 4.20
C MET A 225 -7.18 -4.21 3.31
N PRO A 226 -6.00 -3.88 3.84
CA PRO A 226 -4.87 -3.54 2.95
C PRO A 226 -4.63 -4.57 1.87
N THR A 227 -4.65 -5.87 2.21
CA THR A 227 -4.43 -6.93 1.24
C THR A 227 -5.51 -6.92 0.16
N ARG A 228 -6.76 -6.70 0.56
CA ARG A 228 -7.86 -6.63 -0.41
C ARG A 228 -7.63 -5.49 -1.40
N SER A 229 -7.27 -4.31 -0.90
CA SER A 229 -6.96 -3.20 -1.80
C SER A 229 -5.77 -3.51 -2.70
N ALA A 230 -4.74 -4.17 -2.16
CA ALA A 230 -3.57 -4.52 -2.96
C ALA A 230 -3.94 -5.54 -4.04
N CYS A 231 -4.77 -6.52 -3.68
CA CYS A 231 -5.27 -7.46 -4.68
C CYS A 231 -6.00 -6.74 -5.80
N ILE A 232 -6.89 -5.81 -5.44
CA ILE A 232 -7.63 -5.07 -6.46
C ILE A 232 -6.66 -4.25 -7.32
N ALA A 233 -5.70 -3.57 -6.70
CA ALA A 233 -4.77 -2.78 -7.49
C ALA A 233 -3.98 -3.66 -8.46
N ILE A 234 -3.51 -4.82 -7.99
CA ILE A 234 -2.73 -5.70 -8.86
C ILE A 234 -3.59 -6.22 -10.00
N PHE A 235 -4.81 -6.71 -9.69
CA PHE A 235 -5.67 -7.24 -10.75
C PHE A 235 -6.05 -6.14 -11.75
N GLU A 236 -6.25 -4.90 -11.26
CA GLU A 236 -6.58 -3.80 -12.18
C GLU A 236 -5.39 -3.44 -13.06
N ALA A 237 -4.21 -3.29 -12.44
CA ALA A 237 -3.01 -2.92 -13.20
C ALA A 237 -2.69 -3.92 -14.29
N ARG A 238 -2.91 -5.20 -14.03
CA ARG A 238 -2.55 -6.23 -14.99
C ARG A 238 -3.57 -6.44 -16.08
N ALA A 239 -4.80 -5.94 -15.91
CA ALA A 239 -5.78 -5.84 -17.00
C ALA A 239 -6.01 -7.19 -17.68
N GLN A 240 -6.26 -8.20 -16.85
CA GLN A 240 -6.46 -9.59 -17.22
C GLN A 240 -7.67 -10.04 -16.42
N HIS A 241 -7.74 -11.29 -15.99
CA HIS A 241 -8.93 -11.73 -15.27
C HIS A 241 -9.30 -10.84 -14.07
N PRO A 242 -10.58 -10.78 -13.71
CA PRO A 242 -11.03 -9.86 -12.66
C PRO A 242 -10.84 -10.39 -11.24
N TRP A 243 -10.82 -9.46 -10.29
CA TRP A 243 -10.87 -9.80 -8.86
C TRP A 243 -12.33 -9.89 -8.38
N PRO A 244 -12.73 -10.86 -7.53
CA PRO A 244 -11.93 -11.97 -6.98
C PRO A 244 -11.89 -13.16 -7.93
N PRO A 245 -10.76 -13.88 -7.99
CA PRO A 245 -10.64 -15.01 -8.91
C PRO A 245 -11.17 -16.30 -8.32
N ARG A 246 -11.35 -17.28 -9.22
CA ARG A 246 -11.59 -18.67 -8.85
C ARG A 246 -10.25 -19.41 -8.81
N VAL A 247 -9.97 -20.08 -7.68
CA VAL A 247 -8.70 -20.80 -7.50
C VAL A 247 -8.91 -22.23 -7.99
N ALA A 248 -8.60 -22.48 -9.26
CA ALA A 248 -8.80 -23.81 -9.82
C ALA A 248 -7.48 -24.57 -9.84
N THR A 249 -7.58 -25.87 -10.14
CA THR A 249 -6.38 -26.66 -10.40
C THR A 249 -6.44 -27.22 -11.82
N LEU A 250 -5.33 -27.81 -12.23
CA LEU A 250 -5.22 -28.42 -13.54
C LEU A 250 -4.74 -29.84 -13.35
N PRO A 251 -5.01 -30.71 -14.33
CA PRO A 251 -4.74 -32.16 -14.14
C PRO A 251 -3.28 -32.50 -13.89
N HIS A 252 -2.34 -31.69 -14.38
CA HIS A 252 -0.92 -32.03 -14.20
C HIS A 252 -0.35 -31.50 -12.89
N TRP A 253 -1.14 -30.83 -12.06
CA TRP A 253 -0.63 -30.16 -10.86
C TRP A 253 -0.31 -31.07 -9.68
N PRO A 254 -0.99 -32.21 -9.49
CA PRO A 254 -0.76 -32.99 -8.26
C PRO A 254 0.71 -33.26 -7.94
N LEU A 255 1.48 -33.84 -8.89
CA LEU A 255 2.89 -34.12 -8.59
C LEU A 255 3.66 -32.86 -8.30
N ILE A 256 3.33 -31.77 -9.00
CA ILE A 256 4.07 -30.52 -8.80
C ILE A 256 3.78 -29.97 -7.42
N TYR A 257 2.51 -30.00 -6.99
CA TYR A 257 2.16 -29.55 -5.65
C TYR A 257 2.87 -30.38 -4.59
N ALA A 258 2.91 -31.70 -4.78
CA ALA A 258 3.59 -32.57 -3.82
C ALA A 258 5.08 -32.25 -3.75
N GLY A 259 5.70 -32.00 -4.90
CA GLY A 259 7.10 -31.61 -4.87
C GLY A 259 7.33 -30.36 -4.03
N ALA A 260 6.52 -29.34 -4.25
CA ALA A 260 6.68 -28.08 -3.53
C ALA A 260 6.47 -28.22 -2.04
N LEU A 261 5.81 -29.29 -1.59
CA LEU A 261 5.63 -29.53 -0.16
C LEU A 261 6.84 -30.19 0.48
N GLU A 262 7.82 -30.63 -0.31
CA GLU A 262 8.89 -31.47 0.21
C GLU A 262 9.58 -30.79 1.39
N GLY A 263 9.68 -31.51 2.50
CA GLY A 263 10.30 -30.97 3.69
C GLY A 263 9.44 -30.07 4.54
N LEU A 264 8.16 -29.90 4.22
CA LEU A 264 7.30 -28.97 4.96
C LEU A 264 6.22 -29.69 5.76
N ASP A 265 6.43 -30.98 6.07
CA ASP A 265 5.37 -31.79 6.66
C ASP A 265 5.01 -31.30 8.06
N HIS A 266 5.99 -30.79 8.81
CA HIS A 266 5.72 -30.29 10.15
C HIS A 266 4.75 -29.11 10.14
N LEU A 267 4.37 -28.60 8.97
CA LEU A 267 3.40 -27.53 8.88
C LEU A 267 2.01 -28.09 8.60
N GLU A 268 1.00 -27.25 8.80
CA GLU A 268 -0.36 -27.75 8.61
C GLU A 268 -0.85 -27.53 7.18
N LEU A 269 -0.08 -27.92 6.18
CA LEU A 269 -0.47 -27.54 4.82
C LEU A 269 -1.42 -28.57 4.25
N ALA A 270 -2.31 -28.10 3.38
CA ALA A 270 -3.26 -29.00 2.75
C ALA A 270 -2.52 -30.13 2.05
N ARG A 271 -3.02 -31.36 2.20
CA ARG A 271 -2.25 -32.51 1.74
C ARG A 271 -2.42 -32.76 0.24
N THR A 272 -3.57 -32.44 -0.34
CA THR A 272 -3.79 -32.61 -1.76
C THR A 272 -3.90 -31.25 -2.44
N VAL A 273 -3.59 -31.23 -3.75
CA VAL A 273 -3.60 -29.94 -4.45
C VAL A 273 -5.02 -29.37 -4.50
N ASP A 274 -6.02 -30.22 -4.71
CA ASP A 274 -7.37 -29.70 -4.74
C ASP A 274 -7.79 -29.17 -3.37
N ALA A 275 -7.36 -29.83 -2.29
CA ALA A 275 -7.61 -29.27 -0.96
C ALA A 275 -6.90 -27.92 -0.79
N ALA A 276 -5.67 -27.81 -1.33
CA ALA A 276 -4.94 -26.56 -1.23
C ALA A 276 -5.64 -25.44 -2.00
N ALA A 277 -6.20 -25.77 -3.17
CA ALA A 277 -6.92 -24.76 -3.93
C ALA A 277 -8.14 -24.25 -3.17
N GLN A 278 -8.85 -25.15 -2.51
CA GLN A 278 -10.01 -24.72 -1.71
C GLN A 278 -9.59 -23.93 -0.47
N ALA A 279 -8.43 -24.25 0.12
CA ALA A 279 -7.95 -23.45 1.23
C ALA A 279 -7.56 -22.05 0.77
N VAL A 280 -6.91 -21.94 -0.39
CA VAL A 280 -6.59 -20.60 -0.90
C VAL A 280 -7.85 -19.88 -1.33
N GLN A 281 -8.85 -20.62 -1.85
CA GLN A 281 -10.16 -20.02 -2.11
C GLN A 281 -10.77 -19.42 -0.85
N ARG A 282 -10.70 -20.14 0.27
CA ARG A 282 -11.22 -19.57 1.52
C ARG A 282 -10.48 -18.30 1.89
N PHE A 283 -9.14 -18.29 1.74
CA PHE A 283 -8.34 -17.08 1.93
C PHE A 283 -8.83 -15.95 1.02
N VAL A 284 -9.08 -16.26 -0.24
CA VAL A 284 -9.57 -15.22 -1.14
C VAL A 284 -10.86 -14.61 -0.60
N ALA A 285 -11.79 -15.47 -0.15
CA ALA A 285 -13.05 -14.98 0.38
C ALA A 285 -12.84 -14.14 1.65
N ARG A 286 -11.97 -14.58 2.55
CA ARG A 286 -11.68 -13.76 3.73
C ARG A 286 -11.12 -12.40 3.33
N ILE A 287 -10.18 -12.37 2.39
CA ILE A 287 -9.66 -11.07 1.94
C ILE A 287 -10.78 -10.24 1.33
N ASP A 288 -11.60 -10.87 0.48
CA ASP A 288 -12.58 -10.11 -0.28
C ASP A 288 -13.68 -9.52 0.60
N ARG A 289 -13.89 -10.08 1.80
CA ARG A 289 -14.90 -9.59 2.73
C ARG A 289 -14.37 -8.56 3.73
N ALA A 290 -13.08 -8.24 3.72
CA ALA A 290 -12.53 -7.26 4.66
C ALA A 290 -12.67 -5.85 4.08
N THR A 291 -13.91 -5.37 4.10
CA THR A 291 -14.21 -4.07 3.46
C THR A 291 -13.93 -2.93 4.44
N PRO B 4 11.24 4.41 -39.82
CA PRO B 4 9.80 4.19 -40.06
C PRO B 4 9.56 3.17 -41.18
N TYR B 5 8.84 2.10 -40.85
CA TYR B 5 8.65 1.00 -41.78
C TYR B 5 7.84 1.43 -42.99
N SER B 6 8.18 0.88 -44.15
CA SER B 6 7.59 1.24 -45.42
C SER B 6 6.61 0.19 -45.96
N SER B 7 6.64 -1.02 -45.44
CA SER B 7 5.96 -2.18 -45.98
C SER B 7 5.39 -2.98 -44.82
N PRO B 8 4.28 -3.69 -45.02
CA PRO B 8 3.74 -4.50 -43.93
C PRO B 8 4.72 -5.60 -43.55
N PRO B 9 4.74 -6.00 -42.28
CA PRO B 9 5.64 -7.08 -41.89
C PRO B 9 5.32 -8.37 -42.62
N THR B 10 6.36 -9.12 -42.97
CA THR B 10 6.18 -10.31 -43.77
C THR B 10 5.46 -11.40 -42.98
N ASN B 11 5.67 -11.44 -41.66
CA ASN B 11 5.11 -12.52 -40.86
C ASN B 11 5.00 -12.06 -39.41
N LEU B 12 4.55 -12.98 -38.54
CA LEU B 12 4.35 -12.65 -37.14
C LEU B 12 5.68 -12.24 -36.48
N ARG B 13 6.76 -12.96 -36.77
CA ARG B 13 8.04 -12.64 -36.16
C ARG B 13 8.43 -11.19 -36.45
N SER B 14 8.28 -10.77 -37.71
CA SER B 14 8.61 -9.40 -38.05
C SER B 14 7.66 -8.41 -37.35
N LEU B 15 6.38 -8.78 -37.21
CA LEU B 15 5.43 -7.88 -36.53
C LEU B 15 5.80 -7.72 -35.06
N ARG B 16 6.09 -8.83 -34.37
CA ARG B 16 6.52 -8.72 -32.97
C ARG B 16 7.81 -7.92 -32.87
N ASP B 17 8.76 -8.19 -33.76
CA ASP B 17 10.03 -7.44 -33.73
C ASP B 17 9.79 -5.95 -33.92
N ARG B 18 8.92 -5.60 -34.87
CA ARG B 18 8.63 -4.18 -35.09
C ARG B 18 7.94 -3.57 -33.86
N LEU B 19 7.00 -4.30 -33.25
CA LEU B 19 6.34 -3.81 -32.05
C LEU B 19 7.34 -3.62 -30.91
N THR B 20 8.29 -4.54 -30.76
CA THR B 20 9.34 -4.38 -29.76
C THR B 20 10.11 -3.07 -29.95
N GLN B 21 10.57 -2.82 -31.18
CA GLN B 21 11.34 -1.60 -31.39
C GLN B 21 10.49 -0.35 -31.20
N VAL B 22 9.25 -0.35 -31.69
CA VAL B 22 8.41 0.83 -31.52
C VAL B 22 8.21 1.13 -30.04
N ALA B 23 7.86 0.10 -29.26
CA ALA B 23 7.65 0.31 -27.84
C ALA B 23 8.90 0.86 -27.17
N GLU B 24 10.06 0.28 -27.48
CA GLU B 24 11.33 0.78 -26.96
C GLU B 24 11.56 2.22 -27.37
N ARG B 25 11.41 2.51 -28.67
CA ARG B 25 11.54 3.89 -29.13
C ARG B 25 10.59 4.84 -28.39
N GLN B 26 9.36 4.39 -28.12
CA GLN B 26 8.37 5.27 -27.50
C GLN B 26 8.35 5.18 -25.98
N GLY B 27 9.11 4.27 -25.38
CA GLY B 27 9.03 4.11 -23.94
C GLY B 27 7.70 3.62 -23.41
N VAL B 28 7.09 2.64 -24.09
CA VAL B 28 5.85 2.03 -23.62
C VAL B 28 6.08 0.54 -23.48
N VAL B 29 5.21 -0.11 -22.69
CA VAL B 29 5.36 -1.53 -22.42
C VAL B 29 4.96 -2.33 -23.66
N PHE B 30 5.78 -3.31 -24.03
CA PHE B 30 5.51 -4.07 -25.25
C PHE B 30 4.13 -4.69 -25.21
N GLY B 31 3.78 -5.33 -24.09
CA GLY B 31 2.47 -5.94 -23.97
C GLY B 31 1.33 -4.94 -24.14
N ARG B 32 1.52 -3.72 -23.64
CA ARG B 32 0.51 -2.68 -23.82
C ARG B 32 0.38 -2.29 -25.29
N LEU B 33 1.50 -2.04 -25.95
CA LEU B 33 1.43 -1.69 -27.36
C LEU B 33 0.83 -2.82 -28.19
N GLN B 34 1.18 -4.06 -27.88
CA GLN B 34 0.66 -5.18 -28.66
C GLN B 34 -0.85 -5.30 -28.51
N ARG B 35 -1.34 -5.20 -27.27
CA ARG B 35 -2.79 -5.19 -27.04
C ARG B 35 -3.45 -4.01 -27.76
N HIS B 36 -2.82 -2.84 -27.73
CA HIS B 36 -3.43 -1.67 -28.35
C HIS B 36 -3.67 -1.92 -29.84
N VAL B 37 -2.60 -2.32 -30.53
CA VAL B 37 -2.69 -2.64 -31.94
C VAL B 37 -3.76 -3.71 -32.18
N ALA B 38 -3.76 -4.74 -31.34
CA ALA B 38 -4.75 -5.81 -31.50
C ALA B 38 -6.15 -5.25 -31.35
N MET B 39 -6.34 -4.30 -30.43
CA MET B 39 -7.64 -3.67 -30.25
C MET B 39 -8.07 -2.92 -31.52
N ILE B 40 -7.13 -2.25 -32.18
CA ILE B 40 -7.47 -1.49 -33.38
C ILE B 40 -7.91 -2.43 -34.49
N VAL B 41 -7.30 -3.63 -34.57
CA VAL B 41 -7.69 -4.62 -35.56
C VAL B 41 -9.11 -5.13 -35.28
N VAL B 42 -9.40 -5.45 -34.02
CA VAL B 42 -10.78 -5.80 -33.65
C VAL B 42 -11.73 -4.66 -33.98
N ALA B 43 -11.29 -3.42 -33.76
CA ALA B 43 -12.15 -2.28 -34.04
C ALA B 43 -12.52 -2.21 -35.52
N GLN B 44 -11.58 -2.59 -36.40
CA GLN B 44 -11.88 -2.62 -37.82
C GLN B 44 -12.99 -3.62 -38.11
N PHE B 45 -12.88 -4.82 -37.54
CA PHE B 45 -13.96 -5.80 -37.68
C PHE B 45 -15.25 -5.28 -37.05
N ALA B 46 -15.15 -4.71 -35.84
CA ALA B 46 -16.34 -4.15 -35.19
C ALA B 46 -17.01 -3.10 -36.06
N ALA B 47 -16.23 -2.21 -36.68
CA ALA B 47 -16.82 -1.11 -37.42
C ALA B 47 -17.55 -1.55 -38.68
N THR B 48 -17.36 -2.80 -39.11
CA THR B 48 -18.12 -3.26 -40.27
C THR B 48 -19.58 -3.55 -39.92
N LEU B 49 -19.94 -3.63 -38.64
CA LEU B 49 -21.32 -3.85 -38.21
C LEU B 49 -22.07 -2.53 -38.21
N THR B 50 -22.91 -2.32 -39.22
CA THR B 50 -23.72 -1.13 -39.32
C THR B 50 -25.17 -1.54 -39.55
N ASP B 51 -26.06 -0.62 -39.20
CA ASP B 51 -27.49 -0.78 -39.37
C ASP B 51 -27.91 -0.33 -40.78
N ASP B 52 -29.23 -0.40 -41.03
CA ASP B 52 -29.75 -0.16 -42.37
C ASP B 52 -29.46 1.25 -42.86
N THR B 53 -29.16 2.18 -41.97
CA THR B 53 -28.72 3.51 -42.38
C THR B 53 -27.21 3.64 -42.40
N GLY B 54 -26.47 2.56 -42.12
CA GLY B 54 -25.03 2.66 -42.06
C GLY B 54 -24.45 3.19 -40.76
N ALA B 55 -25.28 3.44 -39.75
CA ALA B 55 -24.72 3.84 -38.47
C ALA B 55 -24.20 2.62 -37.72
N PRO B 56 -23.14 2.80 -36.91
CA PRO B 56 -22.52 1.65 -36.24
C PRO B 56 -23.45 0.97 -35.25
N LEU B 57 -23.33 -0.35 -35.16
CA LEU B 57 -24.06 -1.11 -34.15
C LEU B 57 -23.27 -1.31 -32.85
N LEU B 58 -21.96 -1.04 -32.85
CA LEU B 58 -21.09 -1.34 -31.72
C LEU B 58 -20.22 -0.11 -31.45
N LEU B 59 -20.27 0.43 -30.24
CA LEU B 59 -19.54 1.64 -29.88
C LEU B 59 -18.57 1.32 -28.75
N VAL B 60 -17.30 1.69 -28.94
CA VAL B 60 -16.31 1.47 -27.89
C VAL B 60 -16.57 2.44 -26.73
N LYS B 61 -16.36 1.96 -25.50
CA LYS B 61 -16.53 2.78 -24.30
C LYS B 61 -15.52 2.32 -23.24
N GLY B 62 -15.67 2.85 -22.03
CA GLY B 62 -14.81 2.38 -20.94
C GLY B 62 -13.32 2.75 -21.12
N GLY B 63 -12.48 1.99 -20.43
CA GLY B 63 -11.05 2.24 -20.49
C GLY B 63 -10.47 2.12 -21.88
N SER B 64 -10.97 1.18 -22.67
CA SER B 64 -10.46 1.08 -24.03
C SER B 64 -10.79 2.34 -24.83
N SER B 65 -11.99 2.89 -24.63
CA SER B 65 -12.33 4.17 -25.22
C SER B 65 -11.32 5.24 -24.83
N LEU B 66 -10.99 5.29 -23.54
CA LEU B 66 -10.04 6.30 -23.08
C LEU B 66 -8.66 6.07 -23.70
N GLU B 67 -8.23 4.82 -23.78
CA GLU B 67 -6.95 4.53 -24.42
C GLU B 67 -6.94 4.97 -25.89
N LEU B 68 -8.03 4.73 -26.61
CA LEU B 68 -8.01 5.14 -28.01
C LEU B 68 -8.08 6.66 -28.15
N ARG B 69 -8.86 7.32 -27.31
CA ARG B 69 -8.91 8.78 -27.41
C ARG B 69 -7.58 9.41 -27.04
N ARG B 70 -6.93 8.93 -25.97
CA ARG B 70 -5.79 9.66 -25.42
C ARG B 70 -4.45 9.03 -25.72
N GLY B 71 -4.41 7.84 -26.31
CA GLY B 71 -3.16 7.13 -26.52
C GLY B 71 -2.67 6.42 -25.27
N ILE B 72 -1.76 5.49 -25.49
CA ILE B 72 -1.25 4.64 -24.40
C ILE B 72 -0.60 5.46 -23.29
N PRO B 73 0.25 6.45 -23.58
CA PRO B 73 0.97 7.14 -22.50
C PRO B 73 0.06 7.89 -21.56
N ASP B 74 -1.16 8.20 -21.98
CA ASP B 74 -2.01 9.12 -21.24
C ASP B 74 -3.28 8.44 -20.74
N SER B 75 -3.23 7.15 -20.46
CA SER B 75 -4.44 6.44 -20.08
C SER B 75 -4.05 5.20 -19.30
N ARG B 76 -5.00 4.66 -18.53
CA ARG B 76 -4.75 3.44 -17.80
C ARG B 76 -4.70 2.25 -18.74
N THR B 77 -3.98 1.21 -18.30
CA THR B 77 -4.06 -0.06 -19.00
C THR B 77 -5.52 -0.52 -19.08
N SER B 78 -5.95 -0.94 -20.25
CA SER B 78 -7.32 -1.35 -20.46
C SER B 78 -7.41 -2.88 -20.46
N LYS B 79 -8.45 -3.41 -19.83
CA LYS B 79 -8.59 -4.85 -19.62
C LYS B 79 -9.38 -5.55 -20.73
N ALA B 80 -10.05 -4.79 -21.59
CA ALA B 80 -10.85 -5.41 -22.64
C ALA B 80 -11.22 -4.35 -23.67
N PHE B 81 -11.62 -4.84 -24.84
CA PHE B 81 -12.27 -4.04 -25.84
C PHE B 81 -13.74 -3.97 -25.42
N ASP B 82 -14.10 -2.90 -24.74
CA ASP B 82 -15.42 -2.73 -24.14
C ASP B 82 -16.32 -1.92 -25.06
N THR B 83 -17.59 -2.33 -25.16
CA THR B 83 -18.49 -1.79 -26.16
C THR B 83 -19.91 -1.73 -25.62
N VAL B 84 -20.70 -0.86 -26.25
CA VAL B 84 -22.16 -0.90 -26.15
C VAL B 84 -22.74 -1.33 -27.51
N ALA B 85 -23.71 -2.24 -27.49
CA ALA B 85 -24.28 -2.82 -28.69
C ALA B 85 -25.73 -2.37 -28.86
N ARG B 86 -26.10 -2.07 -30.10
CA ARG B 86 -27.45 -1.66 -30.43
C ARG B 86 -28.30 -2.82 -30.94
N ARG B 87 -27.81 -4.04 -30.81
CA ARG B 87 -28.54 -5.24 -31.20
C ARG B 87 -28.11 -6.37 -30.29
N ASP B 88 -28.91 -7.42 -30.27
CA ASP B 88 -28.64 -8.50 -29.35
C ASP B 88 -27.34 -9.20 -29.71
N ILE B 89 -26.80 -9.94 -28.74
CA ILE B 89 -25.43 -10.39 -28.87
C ILE B 89 -25.27 -11.44 -29.99
N GLU B 90 -26.24 -12.31 -30.27
CA GLU B 90 -25.88 -13.33 -31.22
C GLU B 90 -25.80 -12.72 -32.61
N LEU B 91 -26.61 -11.69 -32.88
CA LEU B 91 -26.43 -10.95 -34.12
C LEU B 91 -25.09 -10.21 -34.13
N ILE B 92 -24.72 -9.55 -33.03
CA ILE B 92 -23.41 -8.93 -32.96
C ILE B 92 -22.31 -9.99 -33.16
N HIS B 93 -22.46 -11.17 -32.55
CA HIS B 93 -21.42 -12.19 -32.65
C HIS B 93 -21.24 -12.67 -34.09
N GLU B 94 -22.32 -13.08 -34.74
CA GLU B 94 -22.20 -13.67 -36.06
C GLU B 94 -21.54 -12.71 -37.05
N GLN B 95 -21.98 -11.45 -37.09
CA GLN B 95 -21.37 -10.51 -38.03
C GLN B 95 -19.90 -10.26 -37.71
N LEU B 96 -19.53 -10.23 -36.42
CA LEU B 96 -18.12 -10.16 -36.06
C LEU B 96 -17.34 -11.34 -36.63
N ALA B 97 -17.87 -12.56 -36.51
CA ALA B 97 -17.14 -13.72 -37.01
C ALA B 97 -16.93 -13.65 -38.52
N ASP B 98 -17.95 -13.23 -39.27
CA ASP B 98 -17.79 -13.07 -40.72
C ASP B 98 -16.68 -12.09 -41.04
N ALA B 99 -16.71 -10.91 -40.41
CA ALA B 99 -15.71 -9.90 -40.69
C ALA B 99 -14.33 -10.44 -40.37
N GLY B 100 -14.21 -11.14 -39.24
CA GLY B 100 -12.92 -11.69 -38.85
C GLY B 100 -12.42 -12.78 -39.77
N GLU B 101 -13.33 -13.56 -40.35
CA GLU B 101 -12.93 -14.53 -41.37
C GLU B 101 -12.48 -13.84 -42.64
N THR B 102 -13.23 -12.82 -43.09
CA THR B 102 -12.82 -12.06 -44.26
C THR B 102 -11.46 -11.42 -44.02
N GLY B 103 -11.27 -10.84 -42.85
CA GLY B 103 -9.96 -10.34 -42.46
C GLY B 103 -9.67 -8.98 -43.04
N TRP B 104 -8.47 -8.49 -42.73
CA TRP B 104 -8.11 -7.13 -43.06
C TRP B 104 -6.63 -6.96 -42.90
N GLU B 105 -5.97 -6.50 -43.96
CA GLU B 105 -4.54 -6.22 -43.94
C GLU B 105 -3.74 -7.39 -43.37
N GLY B 106 -4.15 -8.61 -43.70
CA GLY B 106 -3.44 -9.80 -43.24
C GLY B 106 -3.86 -10.34 -41.89
N PHE B 107 -4.74 -9.66 -41.17
CA PHE B 107 -5.25 -10.14 -39.89
C PHE B 107 -6.57 -10.88 -40.09
N THR B 108 -6.78 -11.93 -39.31
CA THR B 108 -8.06 -12.62 -39.22
C THR B 108 -8.35 -12.86 -37.75
N ALA B 109 -9.58 -13.26 -37.43
CA ALA B 109 -9.88 -13.51 -36.04
C ALA B 109 -11.00 -14.52 -35.92
N ILE B 110 -10.93 -15.33 -34.86
CA ILE B 110 -12.02 -16.16 -34.38
C ILE B 110 -12.52 -15.59 -33.07
N PHE B 111 -13.82 -15.70 -32.81
CA PHE B 111 -14.41 -15.17 -31.59
C PHE B 111 -15.09 -16.30 -30.84
N THR B 112 -14.69 -16.50 -29.58
CA THR B 112 -15.32 -17.50 -28.72
C THR B 112 -16.75 -17.08 -28.38
N ALA B 113 -17.46 -17.97 -27.64
CA ALA B 113 -18.89 -17.86 -27.35
C ALA B 113 -19.13 -16.80 -26.27
N PRO B 114 -20.11 -15.94 -26.48
CA PRO B 114 -20.46 -14.95 -25.47
C PRO B 114 -20.95 -15.70 -24.23
N GLU B 115 -20.51 -15.16 -23.09
CA GLU B 115 -20.86 -15.71 -21.77
C GLU B 115 -21.11 -14.51 -20.86
N GLU B 116 -21.99 -14.66 -19.89
CA GLU B 116 -22.36 -13.50 -19.07
C GLU B 116 -21.39 -13.23 -17.91
N ILE B 117 -21.16 -11.95 -17.61
CA ILE B 117 -20.26 -11.54 -16.55
C ILE B 117 -20.94 -10.56 -15.62
N ASP B 118 -20.52 -10.54 -14.36
CA ASP B 118 -21.05 -9.56 -13.42
C ASP B 118 -20.13 -8.33 -13.40
N VAL B 119 -20.70 -7.17 -13.68
CA VAL B 119 -20.06 -5.89 -13.45
C VAL B 119 -20.95 -5.10 -12.50
N PRO B 120 -20.69 -5.14 -11.19
CA PRO B 120 -21.67 -4.65 -10.21
C PRO B 120 -22.08 -3.21 -10.48
N GLY B 121 -23.38 -2.96 -10.41
CA GLY B 121 -23.92 -1.64 -10.63
C GLY B 121 -24.50 -1.41 -12.02
N MET B 122 -24.20 -2.28 -12.98
CA MET B 122 -24.86 -2.19 -14.28
C MET B 122 -26.31 -2.63 -14.13
N PRO B 123 -27.25 -1.93 -14.79
CA PRO B 123 -28.64 -2.41 -14.81
C PRO B 123 -28.77 -3.81 -15.38
N VAL B 124 -28.03 -4.11 -16.44
CA VAL B 124 -28.08 -5.39 -17.14
C VAL B 124 -26.68 -5.98 -17.13
N LYS B 125 -26.60 -7.28 -16.98
CA LYS B 125 -25.29 -7.95 -17.02
C LYS B 125 -24.70 -7.87 -18.42
N PRO B 126 -23.47 -7.39 -18.57
CA PRO B 126 -22.82 -7.44 -19.89
C PRO B 126 -22.46 -8.87 -20.23
N ARG B 127 -21.99 -9.06 -21.47
CA ARG B 127 -21.47 -10.34 -21.92
C ARG B 127 -20.03 -10.18 -22.34
N ARG B 128 -19.25 -11.25 -22.16
CA ARG B 128 -17.84 -11.26 -22.49
C ARG B 128 -17.55 -12.42 -23.44
N PHE B 129 -16.62 -12.19 -24.35
CA PHE B 129 -16.02 -13.26 -25.14
C PHE B 129 -14.64 -12.79 -25.54
N THR B 130 -13.98 -13.55 -26.41
CA THR B 130 -12.61 -13.27 -26.79
C THR B 130 -12.46 -13.32 -28.30
N ALA B 131 -11.63 -12.43 -28.82
CA ALA B 131 -11.19 -12.46 -30.20
C ALA B 131 -9.78 -13.02 -30.20
N LYS B 132 -9.60 -14.12 -30.94
CA LYS B 132 -8.25 -14.72 -31.13
C LYS B 132 -7.74 -14.23 -32.49
N LEU B 133 -6.76 -13.34 -32.50
CA LEU B 133 -6.27 -12.75 -33.73
C LEU B 133 -5.07 -13.53 -34.22
N SER B 134 -5.04 -13.83 -35.53
CA SER B 134 -3.84 -14.31 -36.21
C SER B 134 -3.39 -13.30 -37.26
N TYR B 135 -2.08 -13.26 -37.49
CA TYR B 135 -1.49 -12.46 -38.56
C TYR B 135 -0.86 -13.41 -39.58
N ARG B 136 -1.44 -13.43 -40.78
CA ARG B 136 -0.94 -14.26 -41.89
C ARG B 136 -0.78 -15.73 -41.47
N GLY B 137 -1.76 -16.22 -40.69
CA GLY B 137 -1.84 -17.62 -40.32
C GLY B 137 -1.33 -17.97 -38.92
N ARG B 138 -0.63 -17.06 -38.22
CA ARG B 138 -0.03 -17.38 -36.94
C ARG B 138 -0.70 -16.60 -35.81
N ALA B 139 -1.06 -17.31 -34.75
CA ALA B 139 -1.65 -16.71 -33.56
C ALA B 139 -0.88 -15.48 -33.11
N PHE B 140 -1.57 -14.33 -33.14
CA PHE B 140 -0.93 -13.07 -32.79
C PHE B 140 -1.25 -12.63 -31.37
N ALA B 141 -2.53 -12.57 -31.02
CA ALA B 141 -2.91 -12.08 -29.69
C ALA B 141 -4.40 -12.37 -29.48
N THR B 142 -4.81 -12.34 -28.23
CA THR B 142 -6.22 -12.54 -27.89
C THR B 142 -6.73 -11.31 -27.16
N VAL B 143 -7.90 -10.85 -27.56
CA VAL B 143 -8.44 -9.59 -27.06
C VAL B 143 -9.77 -9.91 -26.38
N PRO B 144 -9.88 -9.74 -25.07
CA PRO B 144 -11.20 -9.80 -24.44
C PRO B 144 -12.12 -8.71 -24.97
N ILE B 145 -13.38 -9.08 -25.19
CA ILE B 145 -14.40 -8.15 -25.64
C ILE B 145 -15.54 -8.18 -24.63
N GLU B 146 -16.04 -7.01 -24.26
CA GLU B 146 -17.19 -6.91 -23.36
C GLU B 146 -18.22 -6.01 -24.01
N VAL B 147 -19.47 -6.46 -23.99
CA VAL B 147 -20.58 -5.81 -24.68
C VAL B 147 -21.70 -5.58 -23.69
N SER B 148 -22.14 -4.34 -23.55
CA SER B 148 -23.27 -4.02 -22.70
C SER B 148 -24.46 -3.64 -23.55
N SER B 149 -25.64 -3.66 -22.91
CA SER B 149 -26.88 -3.15 -23.49
C SER B 149 -26.92 -1.62 -23.50
N VAL B 150 -27.60 -1.05 -24.50
CA VAL B 150 -27.89 0.39 -24.54
C VAL B 150 -28.56 0.82 -23.24
N GLU B 151 -28.34 2.05 -22.76
CA GLU B 151 -29.22 2.43 -21.67
C GLU B 151 -29.48 3.91 -21.88
N ALA B 152 -30.73 4.34 -21.70
CA ALA B 152 -31.10 5.74 -21.77
C ALA B 152 -30.76 6.37 -23.12
N GLY B 153 -30.69 5.58 -24.19
CA GLY B 153 -30.27 6.09 -25.49
C GLY B 153 -28.79 6.42 -25.63
N ASN B 154 -27.92 5.79 -24.85
CA ASN B 154 -26.52 6.22 -24.88
C ASN B 154 -25.80 5.81 -26.17
N ALA B 155 -26.46 5.12 -27.10
CA ALA B 155 -25.85 4.80 -28.37
C ALA B 155 -26.53 5.48 -29.54
N ASP B 156 -27.43 6.45 -29.29
CA ASP B 156 -28.05 7.19 -30.38
C ASP B 156 -27.13 8.23 -31.01
N GLN B 157 -26.10 8.69 -30.29
CA GLN B 157 -25.04 9.50 -30.85
C GLN B 157 -23.73 8.74 -30.72
N PHE B 158 -22.72 9.13 -31.49
CA PHE B 158 -21.41 8.50 -31.41
C PHE B 158 -20.37 9.44 -32.02
N ASP B 159 -19.13 9.19 -31.67
CA ASP B 159 -17.98 9.85 -32.28
C ASP B 159 -17.18 8.81 -33.05
N THR B 160 -16.40 9.27 -34.02
CA THR B 160 -15.48 8.41 -34.74
C THR B 160 -14.06 8.85 -34.41
N LEU B 161 -13.26 7.92 -33.91
CA LEU B 161 -11.82 8.11 -33.79
C LEU B 161 -11.14 7.41 -34.95
N THR B 162 -10.16 8.07 -35.55
CA THR B 162 -9.36 7.50 -36.63
C THR B 162 -7.99 7.15 -36.10
N SER B 163 -7.64 5.87 -36.16
CA SER B 163 -6.37 5.38 -35.62
C SER B 163 -5.41 5.07 -36.76
N ASP B 164 -4.22 5.68 -36.70
CA ASP B 164 -3.10 5.33 -37.56
C ASP B 164 -2.16 4.32 -36.92
N ALA B 165 -2.57 3.67 -35.83
CA ALA B 165 -1.66 2.84 -35.06
C ALA B 165 -1.04 1.72 -35.89
N LEU B 166 -1.76 1.19 -36.89
CA LEU B 166 -1.18 0.11 -37.67
C LEU B 166 -0.01 0.59 -38.54
N GLY B 167 0.03 1.88 -38.88
CA GLY B 167 1.20 2.40 -39.56
C GLY B 167 2.48 2.25 -38.76
N LEU B 168 2.38 2.08 -37.44
CA LEU B 168 3.59 1.95 -36.64
C LEU B 168 4.39 0.71 -37.01
N VAL B 169 3.76 -0.33 -37.57
CA VAL B 169 4.49 -1.54 -37.95
C VAL B 169 4.52 -1.72 -39.47
N GLY B 170 4.21 -0.69 -40.24
CA GLY B 170 4.33 -0.76 -41.68
C GLY B 170 3.03 -0.98 -42.42
N VAL B 171 1.90 -1.12 -41.72
CA VAL B 171 0.63 -1.33 -42.41
C VAL B 171 0.07 0.03 -42.82
N PRO B 172 -0.10 0.30 -44.09
CA PRO B 172 -0.50 1.65 -44.53
C PRO B 172 -2.02 1.84 -44.58
N ALA B 173 -2.69 1.56 -43.48
CA ALA B 173 -4.14 1.64 -43.45
C ALA B 173 -4.62 2.20 -42.13
N ALA B 174 -5.56 3.13 -42.19
CA ALA B 174 -6.18 3.66 -40.98
C ALA B 174 -7.45 2.87 -40.66
N VAL B 175 -8.00 3.10 -39.47
CA VAL B 175 -9.20 2.42 -39.00
C VAL B 175 -10.11 3.43 -38.34
N ALA B 176 -11.37 3.49 -38.79
CA ALA B 176 -12.36 4.36 -38.18
C ALA B 176 -13.03 3.58 -37.04
N VAL B 177 -12.86 4.06 -35.81
CA VAL B 177 -13.39 3.42 -34.63
C VAL B 177 -14.61 4.21 -34.13
N PRO B 178 -15.82 3.66 -34.20
CA PRO B 178 -16.98 4.33 -33.55
C PRO B 178 -16.86 4.25 -32.03
N CYS B 179 -17.09 5.38 -31.36
CA CYS B 179 -17.02 5.46 -29.90
C CYS B 179 -18.26 6.11 -29.32
N MET B 180 -18.59 5.69 -28.10
CA MET B 180 -19.57 6.40 -27.30
C MET B 180 -19.05 7.81 -27.03
N THR B 181 -19.96 8.79 -27.01
CA THR B 181 -19.53 10.16 -26.84
C THR B 181 -19.03 10.41 -25.42
N ILE B 182 -18.25 11.47 -25.28
CA ILE B 182 -17.70 11.83 -23.97
C ILE B 182 -18.78 12.17 -22.96
N PRO B 183 -19.81 12.96 -23.28
CA PRO B 183 -20.88 13.18 -22.30
C PRO B 183 -21.46 11.90 -21.74
N TRP B 184 -21.71 10.89 -22.58
CA TRP B 184 -22.32 9.65 -22.08
C TRP B 184 -21.37 8.85 -21.19
N GLN B 185 -20.10 8.75 -21.57
CA GLN B 185 -19.14 8.06 -20.72
C GLN B 185 -18.96 8.78 -19.37
N ILE B 186 -18.94 10.12 -19.38
CA ILE B 186 -18.88 10.84 -18.11
C ILE B 186 -20.09 10.52 -17.25
N ALA B 187 -21.28 10.48 -17.85
CA ALA B 187 -22.49 10.21 -17.08
C ALA B 187 -22.42 8.85 -16.41
N GLN B 188 -21.95 7.84 -17.13
CA GLN B 188 -21.90 6.51 -16.55
C GLN B 188 -20.88 6.41 -15.43
N LYS B 189 -19.69 6.98 -15.60
CA LYS B 189 -18.69 6.86 -14.55
C LYS B 189 -19.04 7.72 -13.35
N LEU B 190 -19.64 8.90 -13.56
CA LEU B 190 -20.10 9.69 -12.43
C LEU B 190 -21.10 8.90 -11.60
N HIS B 191 -22.03 8.23 -12.26
CA HIS B 191 -22.97 7.39 -11.52
C HIS B 191 -22.25 6.25 -10.80
N ALA B 192 -21.32 5.60 -11.49
CA ALA B 192 -20.66 4.41 -10.96
C ALA B 192 -19.79 4.75 -9.75
N VAL B 193 -19.06 5.86 -9.83
CA VAL B 193 -18.12 6.17 -8.78
C VAL B 193 -18.82 6.75 -7.56
N THR B 194 -20.04 7.26 -7.71
CA THR B 194 -20.76 7.81 -6.58
C THR B 194 -21.81 6.85 -6.03
N ALA B 195 -21.98 5.68 -6.64
CA ALA B 195 -23.04 4.80 -6.19
C ALA B 195 -22.70 4.18 -4.82
N VAL B 196 -23.75 3.89 -4.06
CA VAL B 196 -23.64 3.21 -2.77
C VAL B 196 -24.19 1.80 -2.97
N LEU B 197 -23.35 0.80 -2.72
CA LEU B 197 -23.73 -0.59 -3.10
C LEU B 197 -24.47 -1.34 -2.00
N GLU B 198 -25.24 -2.36 -2.39
CA GLU B 198 -26.04 -3.17 -1.42
C GLU B 198 -25.14 -3.95 -0.44
N GLU B 199 -25.61 -4.20 0.79
CA GLU B 199 -24.85 -4.81 1.92
C GLU B 199 -23.61 -5.65 1.59
N PRO B 200 -23.70 -6.88 1.04
CA PRO B 200 -22.49 -7.67 0.86
C PRO B 200 -21.43 -6.92 0.04
N LYS B 201 -21.83 -6.07 -0.90
CA LYS B 201 -20.84 -5.47 -1.78
C LYS B 201 -20.42 -4.08 -1.33
N VAL B 202 -19.28 -3.64 -1.84
CA VAL B 202 -18.76 -2.31 -1.58
C VAL B 202 -18.28 -1.74 -2.90
N ASN B 203 -18.40 -0.42 -3.04
CA ASN B 203 -17.95 0.26 -4.24
C ASN B 203 -16.43 0.30 -4.27
N ASP B 204 -15.85 -0.31 -5.30
CA ASP B 204 -14.41 -0.44 -5.45
C ASP B 204 -13.84 0.45 -6.54
N ARG B 205 -14.66 1.34 -7.11
CA ARG B 205 -14.30 2.04 -8.36
C ARG B 205 -13.48 3.34 -8.14
N ALA B 206 -12.47 3.28 -7.27
CA ALA B 206 -11.55 4.42 -7.12
C ALA B 206 -10.91 4.82 -8.45
N HIS B 207 -10.66 3.86 -9.35
CA HIS B 207 -10.03 4.21 -10.62
C HIS B 207 -10.91 5.11 -11.49
N ASP B 208 -12.24 5.09 -11.28
CA ASP B 208 -13.13 6.01 -11.98
C ASP B 208 -12.73 7.45 -11.76
N LEU B 209 -12.22 7.78 -10.57
CA LEU B 209 -11.79 9.15 -10.28
C LEU B 209 -10.64 9.56 -11.20
N VAL B 210 -9.73 8.62 -11.52
CA VAL B 210 -8.69 8.89 -12.52
C VAL B 210 -9.31 9.11 -13.89
N ASP B 211 -10.16 8.17 -14.31
CA ASP B 211 -10.80 8.28 -15.62
C ASP B 211 -11.62 9.57 -15.73
N LEU B 212 -12.29 9.98 -14.65
CA LEU B 212 -13.09 11.21 -14.73
C LEU B 212 -12.19 12.44 -14.92
N GLN B 213 -10.99 12.45 -14.35
CA GLN B 213 -10.09 13.56 -14.63
C GLN B 213 -9.56 13.49 -16.06
N LEU B 214 -9.29 12.28 -16.55
CA LEU B 214 -8.88 12.15 -17.94
C LEU B 214 -9.98 12.62 -18.89
N LEU B 215 -11.25 12.27 -18.59
CA LEU B 215 -12.38 12.72 -19.40
C LEU B 215 -12.62 14.22 -19.28
N GLU B 216 -12.49 14.80 -18.08
CA GLU B 216 -12.65 16.24 -17.97
C GLU B 216 -11.67 16.97 -18.88
N GLY B 217 -10.44 16.44 -19.01
CA GLY B 217 -9.45 17.05 -19.87
C GLY B 217 -9.85 17.09 -21.33
N LEU B 218 -10.73 16.18 -21.77
CA LEU B 218 -11.14 16.14 -23.17
C LEU B 218 -12.38 16.96 -23.46
N LEU B 219 -13.14 17.33 -22.44
CA LEU B 219 -14.47 17.88 -22.68
C LEU B 219 -14.36 19.35 -23.06
N LEU B 220 -15.02 19.73 -24.16
CA LEU B 220 -15.15 21.13 -24.55
C LEU B 220 -16.27 21.83 -23.79
N ASP B 221 -16.12 23.14 -23.60
CA ASP B 221 -17.14 23.93 -22.92
C ASP B 221 -18.49 23.78 -23.57
N ALA B 222 -18.52 23.73 -24.90
CA ALA B 222 -19.78 23.63 -25.61
C ALA B 222 -20.50 22.32 -25.31
N ASP B 223 -19.79 21.33 -24.76
CA ASP B 223 -20.38 20.03 -24.47
C ASP B 223 -20.80 19.87 -23.01
N LEU B 224 -20.71 20.93 -22.19
CA LEU B 224 -21.11 20.82 -20.79
C LEU B 224 -22.61 20.60 -20.64
N MET B 225 -23.42 21.38 -21.36
CA MET B 225 -24.86 21.22 -21.23
C MET B 225 -25.31 19.85 -21.72
N PRO B 226 -24.86 19.37 -22.87
CA PRO B 226 -25.13 17.97 -23.24
C PRO B 226 -24.73 16.95 -22.17
N THR B 227 -23.58 17.18 -21.52
CA THR B 227 -23.16 16.27 -20.46
C THR B 227 -24.15 16.30 -19.29
N ARG B 228 -24.62 17.49 -18.91
CA ARG B 228 -25.62 17.59 -17.86
C ARG B 228 -26.88 16.81 -18.22
N SER B 229 -27.32 16.91 -19.48
CA SER B 229 -28.50 16.15 -19.88
C SER B 229 -28.25 14.65 -19.88
N ALA B 230 -27.06 14.22 -20.31
CA ALA B 230 -26.70 12.81 -20.24
C ALA B 230 -26.69 12.32 -18.80
N CYS B 231 -26.14 13.13 -17.89
CA CYS B 231 -26.06 12.74 -16.50
C CYS B 231 -27.45 12.52 -15.92
N ILE B 232 -28.38 13.45 -16.19
CA ILE B 232 -29.76 13.27 -15.75
C ILE B 232 -30.35 12.02 -16.40
N ALA B 233 -30.13 11.83 -17.69
CA ALA B 233 -30.73 10.67 -18.35
C ALA B 233 -30.24 9.38 -17.69
N ILE B 234 -28.93 9.30 -17.39
CA ILE B 234 -28.39 8.08 -16.78
C ILE B 234 -28.86 7.93 -15.34
N PHE B 235 -28.81 9.01 -14.55
CA PHE B 235 -29.24 8.90 -13.16
C PHE B 235 -30.73 8.56 -13.05
N GLU B 236 -31.56 9.03 -13.98
CA GLU B 236 -32.98 8.65 -13.94
C GLU B 236 -33.20 7.22 -14.43
N ALA B 237 -32.52 6.80 -15.49
CA ALA B 237 -32.71 5.43 -15.96
C ALA B 237 -32.25 4.41 -14.90
N ARG B 238 -31.16 4.69 -14.19
CA ARG B 238 -30.71 3.69 -13.22
C ARG B 238 -31.50 3.73 -11.93
N ALA B 239 -32.18 4.83 -11.63
CA ALA B 239 -33.24 4.82 -10.62
C ALA B 239 -32.70 4.45 -9.24
N GLN B 240 -31.61 5.09 -8.87
CA GLN B 240 -30.85 4.88 -7.65
C GLN B 240 -30.62 6.29 -7.12
N HIS B 241 -29.45 6.61 -6.58
CA HIS B 241 -29.26 7.95 -6.02
C HIS B 241 -29.50 9.05 -7.06
N PRO B 242 -29.97 10.21 -6.62
CA PRO B 242 -30.29 11.30 -7.54
C PRO B 242 -29.07 12.09 -7.99
N TRP B 243 -29.26 12.81 -9.09
CA TRP B 243 -28.38 13.83 -9.65
C TRP B 243 -28.66 15.19 -8.99
N PRO B 244 -27.62 15.99 -8.66
CA PRO B 244 -26.20 15.67 -8.73
C PRO B 244 -25.70 14.93 -7.49
N PRO B 245 -24.77 14.00 -7.65
CA PRO B 245 -24.30 13.21 -6.52
C PRO B 245 -23.26 13.95 -5.69
N ARG B 246 -22.99 13.41 -4.51
CA ARG B 246 -21.79 13.80 -3.77
C ARG B 246 -20.70 12.76 -4.04
N VAL B 247 -19.50 13.25 -4.34
CA VAL B 247 -18.37 12.40 -4.67
C VAL B 247 -17.62 12.15 -3.37
N ALA B 248 -17.82 10.98 -2.78
CA ALA B 248 -17.12 10.62 -1.55
C ALA B 248 -15.99 9.65 -1.84
N THR B 249 -15.20 9.35 -0.81
CA THR B 249 -14.21 8.31 -0.87
C THR B 249 -14.50 7.29 0.23
N LEU B 250 -13.94 6.10 0.06
CA LEU B 250 -14.06 5.05 1.05
C LEU B 250 -12.68 4.70 1.59
N PRO B 251 -12.62 4.17 2.82
CA PRO B 251 -11.31 3.96 3.45
C PRO B 251 -10.39 3.03 2.70
N HIS B 252 -10.91 2.11 1.90
CA HIS B 252 -10.03 1.18 1.21
C HIS B 252 -9.55 1.69 -0.14
N TRP B 253 -9.94 2.89 -0.53
CA TRP B 253 -9.64 3.42 -1.86
C TRP B 253 -8.20 3.88 -2.07
N PRO B 254 -7.48 4.37 -1.03
CA PRO B 254 -6.17 5.02 -1.28
C PRO B 254 -5.19 4.18 -2.09
N LEU B 255 -4.97 2.91 -1.73
CA LEU B 255 -4.07 2.10 -2.55
C LEU B 255 -4.62 1.92 -3.96
N ILE B 256 -5.93 1.68 -4.10
CA ILE B 256 -6.49 1.43 -5.43
C ILE B 256 -6.33 2.69 -6.30
N TYR B 257 -6.65 3.85 -5.73
CA TYR B 257 -6.46 5.08 -6.48
C TYR B 257 -4.99 5.25 -6.83
N ALA B 258 -4.10 5.05 -5.85
CA ALA B 258 -2.67 5.22 -6.12
C ALA B 258 -2.21 4.29 -7.24
N GLY B 259 -2.68 3.05 -7.26
CA GLY B 259 -2.33 2.15 -8.36
C GLY B 259 -2.84 2.63 -9.71
N ALA B 260 -4.07 3.11 -9.75
CA ALA B 260 -4.64 3.59 -11.02
C ALA B 260 -3.92 4.81 -11.58
N LEU B 261 -3.12 5.51 -10.76
CA LEU B 261 -2.29 6.62 -11.23
C LEU B 261 -0.96 6.19 -11.86
N GLU B 262 -0.60 4.90 -11.79
CA GLU B 262 0.68 4.43 -12.33
C GLU B 262 0.95 4.93 -13.74
N GLY B 263 2.13 5.53 -13.93
CA GLY B 263 2.57 5.97 -15.24
C GLY B 263 1.95 7.24 -15.73
N LEU B 264 1.10 7.90 -14.92
CA LEU B 264 0.39 9.10 -15.34
C LEU B 264 0.96 10.37 -14.71
N ASP B 265 2.22 10.32 -14.26
CA ASP B 265 2.82 11.43 -13.52
C ASP B 265 2.84 12.71 -14.32
N HIS B 266 3.17 12.62 -15.62
CA HIS B 266 3.23 13.80 -16.48
C HIS B 266 1.88 14.52 -16.58
N LEU B 267 0.78 13.86 -16.22
CA LEU B 267 -0.51 14.52 -16.29
C LEU B 267 -0.80 15.25 -14.99
N GLU B 268 -1.65 16.28 -15.08
CA GLU B 268 -2.02 17.07 -13.91
C GLU B 268 -3.19 16.39 -13.21
N LEU B 269 -2.87 15.28 -12.54
CA LEU B 269 -3.85 14.48 -11.81
C LEU B 269 -3.71 14.68 -10.30
N ALA B 270 -4.83 14.70 -9.59
CA ALA B 270 -4.78 14.74 -8.13
C ALA B 270 -3.94 13.58 -7.60
N ARG B 271 -3.04 13.89 -6.66
CA ARG B 271 -2.07 12.92 -6.15
C ARG B 271 -2.65 12.01 -5.06
N THR B 272 -3.74 12.41 -4.43
CA THR B 272 -4.36 11.63 -3.37
C THR B 272 -5.81 11.37 -3.76
N VAL B 273 -6.39 10.32 -3.18
CA VAL B 273 -7.78 9.99 -3.53
C VAL B 273 -8.73 11.10 -3.03
N ASP B 274 -8.50 11.65 -1.83
CA ASP B 274 -9.46 12.66 -1.39
C ASP B 274 -9.36 13.92 -2.24
N ALA B 275 -8.17 14.30 -2.70
CA ALA B 275 -8.09 15.42 -3.63
C ALA B 275 -8.74 15.09 -4.96
N ALA B 276 -8.68 13.81 -5.38
CA ALA B 276 -9.37 13.44 -6.62
C ALA B 276 -10.87 13.61 -6.49
N ALA B 277 -11.43 13.25 -5.34
CA ALA B 277 -12.87 13.41 -5.14
C ALA B 277 -13.27 14.88 -5.18
N GLN B 278 -12.49 15.75 -4.54
CA GLN B 278 -12.79 17.18 -4.58
C GLN B 278 -12.71 17.71 -6.00
N ALA B 279 -11.70 17.27 -6.76
CA ALA B 279 -11.64 17.64 -8.16
C ALA B 279 -12.88 17.14 -8.92
N VAL B 280 -13.31 15.91 -8.65
CA VAL B 280 -14.45 15.44 -9.44
C VAL B 280 -15.74 16.09 -8.95
N GLN B 281 -15.82 16.42 -7.66
CA GLN B 281 -16.98 17.18 -7.20
C GLN B 281 -17.04 18.54 -7.89
N ARG B 282 -15.90 19.21 -8.08
CA ARG B 282 -15.92 20.48 -8.80
C ARG B 282 -16.40 20.29 -10.24
N PHE B 283 -15.98 19.20 -10.89
CA PHE B 283 -16.47 18.88 -12.22
C PHE B 283 -17.99 18.70 -12.22
N VAL B 284 -18.51 18.02 -11.19
CA VAL B 284 -19.94 17.86 -11.07
C VAL B 284 -20.63 19.22 -11.02
N ALA B 285 -20.04 20.16 -10.26
CA ALA B 285 -20.63 21.48 -10.12
C ALA B 285 -20.66 22.24 -11.45
N ARG B 286 -19.58 22.14 -12.21
CA ARG B 286 -19.56 22.79 -13.55
C ARG B 286 -20.62 22.15 -14.44
N ILE B 287 -20.74 20.81 -14.39
CA ILE B 287 -21.74 20.17 -15.24
C ILE B 287 -23.12 20.64 -14.85
N ASP B 288 -23.41 20.64 -13.54
CA ASP B 288 -24.75 20.95 -13.07
C ASP B 288 -25.14 22.40 -13.33
N ARG B 289 -24.17 23.30 -13.40
CA ARG B 289 -24.49 24.69 -13.70
C ARG B 289 -24.68 24.94 -15.20
N ALA B 290 -24.38 23.96 -16.07
CA ALA B 290 -24.47 24.15 -17.52
C ALA B 290 -25.93 23.99 -17.99
N THR B 291 -26.74 24.99 -17.69
CA THR B 291 -28.17 24.93 -18.06
C THR B 291 -28.33 25.47 -19.49
N PRO C 4 -22.70 11.63 8.74
CA PRO C 4 -21.50 12.00 7.96
C PRO C 4 -21.63 13.38 7.33
N TYR C 5 -20.89 14.36 7.85
CA TYR C 5 -21.07 15.74 7.44
C TYR C 5 -20.69 15.95 5.97
N SER C 6 -21.50 16.75 5.29
CA SER C 6 -21.30 16.96 3.85
C SER C 6 -19.95 17.60 3.56
N SER C 7 -19.57 18.62 4.35
CA SER C 7 -18.32 19.34 4.10
C SER C 7 -17.74 19.93 5.37
N PRO C 8 -16.56 20.55 5.31
CA PRO C 8 -15.96 21.11 6.52
C PRO C 8 -16.82 22.21 7.10
N PRO C 9 -16.75 22.43 8.41
CA PRO C 9 -17.53 23.51 9.02
C PRO C 9 -17.21 24.86 8.38
N THR C 10 -18.27 25.66 8.22
CA THR C 10 -18.16 26.99 7.61
C THR C 10 -17.28 27.92 8.44
N ASN C 11 -17.42 27.86 9.75
CA ASN C 11 -16.82 28.86 10.62
C ASN C 11 -16.72 28.23 12.01
N LEU C 12 -16.13 28.98 12.93
CA LEU C 12 -15.93 28.47 14.28
C LEU C 12 -17.24 28.07 14.92
N ARG C 13 -18.30 28.85 14.71
CA ARG C 13 -19.60 28.52 15.29
C ARG C 13 -20.07 27.14 14.82
N SER C 14 -19.98 26.89 13.51
CA SER C 14 -20.33 25.55 13.03
C SER C 14 -19.40 24.49 13.61
N LEU C 15 -18.10 24.81 13.75
CA LEU C 15 -17.17 23.81 14.29
C LEU C 15 -17.58 23.42 15.71
N ARG C 16 -17.95 24.41 16.53
CA ARG C 16 -18.29 24.12 17.91
C ARG C 16 -19.60 23.36 18.03
N ASP C 17 -20.56 23.64 17.17
CA ASP C 17 -21.81 22.89 17.24
C ASP C 17 -21.60 21.43 16.83
N ARG C 18 -20.73 21.18 15.85
CA ARG C 18 -20.42 19.80 15.50
C ARG C 18 -19.65 19.11 16.63
N LEU C 19 -18.73 19.82 17.27
CA LEU C 19 -18.07 19.23 18.43
C LEU C 19 -19.09 18.90 19.52
N THR C 20 -20.01 19.83 19.78
CA THR C 20 -21.04 19.57 20.78
C THR C 20 -21.82 18.30 20.45
N GLN C 21 -22.26 18.16 19.19
CA GLN C 21 -22.99 16.96 18.79
C GLN C 21 -22.14 15.72 18.98
N VAL C 22 -20.90 15.74 18.47
CA VAL C 22 -20.06 14.55 18.51
C VAL C 22 -19.84 14.12 19.96
N ALA C 23 -19.59 15.09 20.84
CA ALA C 23 -19.34 14.76 22.24
C ALA C 23 -20.56 14.14 22.89
N GLU C 24 -21.75 14.67 22.61
CA GLU C 24 -22.99 14.08 23.12
C GLU C 24 -23.12 12.63 22.66
N ARG C 25 -22.96 12.38 21.36
CA ARG C 25 -23.09 11.02 20.85
C ARG C 25 -22.10 10.08 21.52
N GLN C 26 -20.83 10.46 21.57
CA GLN C 26 -19.82 9.62 22.20
C GLN C 26 -19.94 9.61 23.72
N GLY C 27 -20.73 10.51 24.30
CA GLY C 27 -20.81 10.58 25.76
C GLY C 27 -19.53 11.02 26.44
N VAL C 28 -18.87 12.04 25.90
CA VAL C 28 -17.65 12.56 26.50
C VAL C 28 -17.82 14.06 26.73
N VAL C 29 -17.04 14.55 27.70
CA VAL C 29 -17.07 15.97 28.05
C VAL C 29 -16.62 16.78 26.86
N PHE C 30 -17.37 17.86 26.57
CA PHE C 30 -17.02 18.70 25.42
C PHE C 30 -15.58 19.18 25.49
N GLY C 31 -15.17 19.68 26.66
CA GLY C 31 -13.83 20.23 26.79
C GLY C 31 -12.77 19.20 26.47
N ARG C 32 -12.98 17.96 26.91
CA ARG C 32 -12.04 16.89 26.60
C ARG C 32 -12.02 16.61 25.09
N LEU C 33 -13.20 16.57 24.44
CA LEU C 33 -13.23 16.36 23.00
C LEU C 33 -12.59 17.53 22.25
N GLN C 34 -12.88 18.76 22.67
CA GLN C 34 -12.30 19.90 21.98
C GLN C 34 -10.79 19.87 22.09
N ARG C 35 -10.26 19.60 23.29
CA ARG C 35 -8.81 19.49 23.46
C ARG C 35 -8.24 18.39 22.60
N HIS C 36 -8.93 17.23 22.53
CA HIS C 36 -8.45 16.12 21.72
C HIS C 36 -8.31 16.53 20.25
N VAL C 37 -9.35 17.16 19.71
CA VAL C 37 -9.35 17.59 18.32
C VAL C 37 -8.23 18.60 18.09
N ALA C 38 -8.04 19.52 19.04
CA ALA C 38 -6.99 20.52 18.87
C ALA C 38 -5.61 19.87 18.88
N MET C 39 -5.42 18.79 19.66
CA MET C 39 -4.15 18.08 19.61
C MET C 39 -3.93 17.41 18.27
N ILE C 40 -4.99 16.84 17.68
CA ILE C 40 -4.88 16.22 16.36
C ILE C 40 -4.54 17.27 15.31
N VAL C 41 -5.11 18.48 15.43
CA VAL C 41 -4.72 19.56 14.53
C VAL C 41 -3.24 19.88 14.69
N VAL C 42 -2.76 19.96 15.94
CA VAL C 42 -1.34 20.24 16.13
C VAL C 42 -0.49 19.08 15.58
N ALA C 43 -0.96 17.84 15.74
CA ALA C 43 -0.22 16.71 15.17
C ALA C 43 -0.09 16.87 13.65
N GLN C 44 -1.13 17.38 12.98
CA GLN C 44 -1.03 17.69 11.56
C GLN C 44 0.09 18.69 11.29
N PHE C 45 0.17 19.74 12.09
CA PHE C 45 1.29 20.68 11.91
C PHE C 45 2.60 19.93 12.06
N ALA C 46 2.72 19.17 13.15
CA ALA C 46 3.98 18.50 13.45
C ALA C 46 4.35 17.49 12.36
N ALA C 47 3.36 16.87 11.72
CA ALA C 47 3.63 15.86 10.69
C ALA C 47 4.49 16.42 9.55
N THR C 48 4.43 17.73 9.29
CA THR C 48 5.27 18.31 8.25
C THR C 48 6.72 18.48 8.68
N LEU C 49 7.05 18.26 9.95
CA LEU C 49 8.44 18.30 10.40
C LEU C 49 9.02 16.90 10.20
N THR C 50 9.82 16.73 9.16
CA THR C 50 10.53 15.48 8.88
C THR C 50 11.98 15.78 8.60
N ASP C 51 12.83 14.78 8.79
CA ASP C 51 14.25 14.90 8.49
C ASP C 51 14.50 14.60 7.02
N ASP C 52 15.77 14.42 6.67
CA ASP C 52 16.19 14.15 5.29
C ASP C 52 15.50 12.93 4.70
N THR C 53 15.26 11.89 5.50
CA THR C 53 14.69 10.65 4.98
C THR C 53 13.17 10.62 5.02
N GLY C 54 12.53 11.72 5.42
CA GLY C 54 11.10 11.73 5.62
C GLY C 54 10.65 11.16 6.94
N ALA C 55 11.58 10.90 7.87
CA ALA C 55 11.24 10.44 9.22
C ALA C 55 10.80 11.62 10.08
N PRO C 56 9.81 11.42 10.95
CA PRO C 56 9.30 12.54 11.76
C PRO C 56 10.33 13.02 12.76
N LEU C 57 10.33 14.32 13.01
CA LEU C 57 11.20 14.87 14.04
C LEU C 57 10.58 14.89 15.44
N LEU C 58 9.26 14.69 15.55
CA LEU C 58 8.56 14.72 16.83
C LEU C 58 7.78 13.43 17.02
N LEU C 59 7.89 12.83 18.21
CA LEU C 59 7.07 11.70 18.59
C LEU C 59 6.23 12.09 19.80
N VAL C 60 4.97 11.68 19.81
CA VAL C 60 4.09 11.97 20.95
C VAL C 60 4.34 10.93 22.03
N LYS C 61 4.23 11.36 23.29
CA LYS C 61 4.42 10.45 24.42
C LYS C 61 3.51 10.92 25.56
N GLY C 62 3.67 10.31 26.73
CA GLY C 62 2.97 10.74 27.91
C GLY C 62 1.45 10.56 27.86
N GLY C 63 0.78 11.36 28.68
CA GLY C 63 -0.67 11.30 28.74
C GLY C 63 -1.32 11.38 27.37
N SER C 64 -0.81 12.27 26.52
CA SER C 64 -1.42 12.46 25.21
C SER C 64 -1.28 11.20 24.35
N SER C 65 -0.13 10.52 24.40
CA SER C 65 -0.02 9.28 23.63
C SER C 65 -0.92 8.18 24.21
N LEU C 66 -1.05 8.12 25.54
CA LEU C 66 -1.97 7.17 26.14
C LEU C 66 -3.40 7.45 25.68
N GLU C 67 -3.78 8.73 25.57
CA GLU C 67 -5.11 9.08 25.06
C GLU C 67 -5.29 8.61 23.62
N LEU C 68 -4.29 8.82 22.78
CA LEU C 68 -4.39 8.36 21.41
C LEU C 68 -4.51 6.84 21.34
N ARG C 69 -3.75 6.12 22.20
CA ARG C 69 -3.75 4.66 22.16
C ARG C 69 -5.03 4.05 22.75
N ARG C 70 -5.53 4.62 23.84
CA ARG C 70 -6.65 4.00 24.54
C ARG C 70 -7.97 4.70 24.32
N GLY C 71 -7.97 5.90 23.75
CA GLY C 71 -9.18 6.68 23.61
C GLY C 71 -9.51 7.45 24.87
N ILE C 72 -10.31 8.50 24.68
CA ILE C 72 -10.73 9.33 25.80
C ILE C 72 -11.37 8.50 26.91
N PRO C 73 -12.31 7.59 26.64
CA PRO C 73 -12.99 6.89 27.74
C PRO C 73 -12.06 6.08 28.64
N ASP C 74 -10.92 5.60 28.12
CA ASP C 74 -10.06 4.70 28.88
C ASP C 74 -8.70 5.33 29.24
N SER C 75 -8.62 6.65 29.32
CA SER C 75 -7.37 7.30 29.65
C SER C 75 -7.63 8.50 30.55
N ARG C 76 -6.61 8.87 31.29
CA ARG C 76 -6.69 10.09 32.07
C ARG C 76 -6.82 11.30 31.15
N THR C 77 -7.32 12.39 31.73
CA THR C 77 -7.30 13.69 31.06
C THR C 77 -5.86 14.07 30.77
N SER C 78 -5.57 14.41 29.51
CA SER C 78 -4.21 14.78 29.12
C SER C 78 -3.99 16.29 29.24
N LYS C 79 -2.86 16.68 29.80
CA LYS C 79 -2.56 18.11 30.05
C LYS C 79 -1.83 18.78 28.88
N ALA C 80 -1.24 18.02 27.94
CA ALA C 80 -0.51 18.68 26.88
C ALA C 80 -0.31 17.74 25.69
N PHE C 81 0.05 18.36 24.56
CA PHE C 81 0.62 17.65 23.42
C PHE C 81 2.10 17.45 23.77
N ASP C 82 2.39 16.29 24.34
CA ASP C 82 3.71 16.01 24.89
C ASP C 82 4.53 15.20 23.89
N THR C 83 5.74 15.65 23.58
CA THR C 83 6.52 15.11 22.47
C THR C 83 7.98 14.87 22.86
N VAL C 84 8.65 14.05 22.05
CA VAL C 84 10.11 13.95 22.09
C VAL C 84 10.63 14.42 20.75
N ALA C 85 11.55 15.38 20.77
CA ALA C 85 12.16 15.89 19.55
C ALA C 85 13.52 15.25 19.28
N ARG C 86 13.78 14.94 18.01
CA ARG C 86 15.10 14.49 17.56
C ARG C 86 16.01 15.63 17.10
N ARG C 87 15.70 16.87 17.53
CA ARG C 87 16.53 18.06 17.17
C ARG C 87 16.34 19.13 18.23
N ASP C 88 17.08 20.23 18.13
CA ASP C 88 17.01 21.29 19.17
C ASP C 88 15.67 22.01 19.15
N ILE C 89 15.22 22.48 20.31
CA ILE C 89 13.91 23.21 20.43
C ILE C 89 13.86 24.39 19.46
N GLU C 90 14.99 25.04 19.21
CA GLU C 90 14.98 26.25 18.37
C GLU C 90 14.51 25.85 16.99
N LEU C 91 14.99 24.71 16.50
CA LEU C 91 14.50 24.22 15.17
C LEU C 91 13.05 23.77 15.33
N ILE C 92 12.72 23.05 16.41
CA ILE C 92 11.35 22.48 16.57
C ILE C 92 10.36 23.65 16.64
N HIS C 93 10.62 24.57 17.54
CA HIS C 93 9.66 25.66 17.70
C HIS C 93 9.54 26.47 16.40
N GLU C 94 10.66 26.79 15.78
CA GLU C 94 10.63 27.55 14.53
C GLU C 94 9.89 26.78 13.44
N GLN C 95 10.19 25.49 13.28
CA GLN C 95 9.54 24.70 12.23
C GLN C 95 8.05 24.50 12.53
N LEU C 96 7.69 24.31 13.79
CA LEU C 96 6.28 24.16 14.14
C LEU C 96 5.52 25.45 13.86
N ALA C 97 6.05 26.58 14.35
CA ALA C 97 5.44 27.88 14.12
C ALA C 97 5.21 28.11 12.63
N ASP C 98 6.20 27.74 11.80
CA ASP C 98 6.06 27.80 10.35
C ASP C 98 4.82 27.07 9.90
N ALA C 99 4.74 25.78 10.23
CA ALA C 99 3.61 24.96 9.80
C ALA C 99 2.30 25.52 10.33
N GLY C 100 2.29 26.01 11.56
CA GLY C 100 1.06 26.48 12.16
C GLY C 100 0.58 27.79 11.57
N GLU C 101 1.51 28.69 11.24
CA GLU C 101 1.12 29.95 10.61
C GLU C 101 0.47 29.69 9.24
N THR C 102 1.10 28.84 8.41
CA THR C 102 0.51 28.47 7.13
C THR C 102 -0.87 27.83 7.32
N GLY C 103 -1.00 26.92 8.28
CA GLY C 103 -2.30 26.37 8.62
C GLY C 103 -2.62 25.10 7.86
N TRP C 104 -3.81 24.56 8.13
CA TRP C 104 -4.19 23.27 7.55
C TRP C 104 -5.70 23.10 7.64
N GLU C 105 -6.37 23.05 6.48
CA GLU C 105 -7.82 22.82 6.40
C GLU C 105 -8.60 23.84 7.23
N GLY C 106 -8.13 25.08 7.24
CA GLY C 106 -8.77 26.17 7.94
C GLY C 106 -8.18 26.46 9.31
N PHE C 107 -7.41 25.53 9.87
CA PHE C 107 -6.81 25.74 11.18
C PHE C 107 -5.48 26.45 11.02
N THR C 108 -5.23 27.45 11.87
CA THR C 108 -3.91 28.06 12.04
C THR C 108 -3.55 28.03 13.51
N ALA C 109 -2.29 28.34 13.80
CA ALA C 109 -1.87 28.39 15.20
C ALA C 109 -0.71 29.36 15.31
N ILE C 110 -0.71 30.11 16.43
CA ILE C 110 0.44 30.85 16.90
C ILE C 110 0.94 30.16 18.16
N PHE C 111 2.26 30.21 18.37
CA PHE C 111 2.90 29.54 19.51
C PHE C 111 3.62 30.57 20.36
N THR C 112 3.39 30.52 21.66
CA THR C 112 4.14 31.36 22.59
C THR C 112 5.61 30.92 22.63
N ALA C 113 6.40 31.68 23.39
CA ALA C 113 7.83 31.46 23.46
C ALA C 113 8.15 30.29 24.38
N PRO C 114 9.10 29.42 23.99
CA PRO C 114 9.45 28.28 24.84
C PRO C 114 9.98 28.73 26.20
N GLU C 115 9.52 28.02 27.24
CA GLU C 115 10.04 28.13 28.59
C GLU C 115 10.49 26.76 29.07
N GLU C 116 11.51 26.75 29.93
CA GLU C 116 11.92 25.53 30.59
C GLU C 116 10.90 25.12 31.63
N ILE C 117 10.60 23.82 31.69
CA ILE C 117 9.77 23.24 32.74
C ILE C 117 10.69 22.68 33.80
N ASP C 118 10.47 23.06 35.05
CA ASP C 118 11.36 22.59 36.10
C ASP C 118 10.85 21.25 36.63
N VAL C 119 11.08 20.22 35.82
CA VAL C 119 10.83 18.86 36.25
C VAL C 119 11.72 18.62 37.46
N PRO C 120 11.15 18.49 38.66
CA PRO C 120 11.98 18.24 39.84
C PRO C 120 12.83 16.98 39.66
N GLY C 121 14.13 17.12 39.94
CA GLY C 121 15.07 16.02 39.83
C GLY C 121 15.63 15.77 38.45
N MET C 122 15.24 16.57 37.45
CA MET C 122 15.67 16.34 36.08
C MET C 122 16.77 17.32 35.71
N PRO C 123 18.00 16.86 35.45
CA PRO C 123 19.07 17.82 35.12
C PRO C 123 18.80 18.62 33.85
N VAL C 124 18.27 17.97 32.82
CA VAL C 124 18.06 18.57 31.49
C VAL C 124 16.56 18.86 31.35
N LYS C 125 16.17 20.14 31.44
CA LYS C 125 14.75 20.48 31.52
C LYS C 125 14.09 20.41 30.15
N PRO C 126 12.93 19.77 30.03
CA PRO C 126 12.12 19.92 28.83
C PRO C 126 11.63 21.36 28.67
N ARG C 127 11.02 21.64 27.54
CA ARG C 127 10.48 22.96 27.25
C ARG C 127 8.96 22.89 27.11
N ARG C 128 8.30 23.99 27.45
CA ARG C 128 6.86 24.13 27.26
C ARG C 128 6.55 25.45 26.57
N PHE C 129 5.46 25.44 25.80
CA PHE C 129 4.87 26.63 25.22
C PHE C 129 3.43 26.28 24.83
N THR C 130 2.72 27.23 24.22
CA THR C 130 1.28 27.07 24.01
C THR C 130 0.94 27.30 22.55
N ALA C 131 0.16 26.41 21.97
CA ALA C 131 -0.40 26.63 20.64
C ALA C 131 -1.74 27.34 20.78
N LYS C 132 -1.85 28.53 20.21
CA LYS C 132 -3.13 29.24 20.13
C LYS C 132 -3.70 28.99 18.74
N LEU C 133 -4.71 28.14 18.66
CA LEU C 133 -5.29 27.73 17.39
C LEU C 133 -6.47 28.61 17.01
N SER C 134 -6.64 28.81 15.71
CA SER C 134 -7.77 29.52 15.17
C SER C 134 -8.34 28.67 14.04
N TYR C 135 -9.63 28.86 13.79
CA TYR C 135 -10.29 28.20 12.68
C TYR C 135 -10.91 29.27 11.79
N ARG C 136 -10.47 29.30 10.54
CA ARG C 136 -10.82 30.34 9.57
C ARG C 136 -10.71 31.71 10.19
N GLY C 137 -9.64 31.93 10.94
CA GLY C 137 -9.31 33.23 11.48
C GLY C 137 -9.79 33.52 12.90
N ARG C 138 -10.75 32.76 13.43
CA ARG C 138 -11.29 33.04 14.75
C ARG C 138 -10.68 32.10 15.80
N ALA C 139 -10.34 32.67 16.96
CA ALA C 139 -9.70 31.88 18.01
C ALA C 139 -10.56 30.69 18.38
N PHE C 140 -9.96 29.51 18.42
CA PHE C 140 -10.68 28.25 18.61
C PHE C 140 -10.35 27.62 19.96
N ALA C 141 -9.07 27.39 20.25
CA ALA C 141 -8.68 26.68 21.45
C ALA C 141 -7.17 26.82 21.62
N THR C 142 -6.70 26.53 22.82
CA THR C 142 -5.28 26.53 23.09
C THR C 142 -4.86 25.15 23.57
N VAL C 143 -3.65 24.75 23.19
CA VAL C 143 -3.11 23.44 23.52
C VAL C 143 -1.72 23.64 24.09
N PRO C 144 -1.48 23.32 25.36
CA PRO C 144 -0.08 23.32 25.86
C PRO C 144 0.73 22.28 25.11
N ILE C 145 1.96 22.67 24.73
CA ILE C 145 2.93 21.81 24.06
C ILE C 145 4.09 21.60 25.01
N GLU C 146 4.62 20.38 25.03
CA GLU C 146 5.87 20.10 25.75
C GLU C 146 6.82 19.30 24.88
N VAL C 147 8.10 19.63 24.96
CA VAL C 147 9.11 19.02 24.12
C VAL C 147 10.28 18.59 24.99
N SER C 148 10.67 17.32 24.84
CA SER C 148 11.81 16.73 25.53
C SER C 148 12.83 16.27 24.52
N SER C 149 14.10 16.18 24.96
CA SER C 149 15.18 15.66 24.14
C SER C 149 15.15 14.14 24.07
N VAL C 150 15.72 13.59 23.00
CA VAL C 150 15.86 12.13 22.95
C VAL C 150 16.65 11.68 24.17
N GLU C 151 16.44 10.41 24.53
CA GLU C 151 17.01 9.80 25.72
C GLU C 151 17.28 8.34 25.39
N ALA C 152 18.55 7.92 25.45
CA ALA C 152 18.93 6.50 25.31
C ALA C 152 18.38 5.89 24.03
N GLY C 153 18.37 6.68 22.95
CA GLY C 153 17.81 6.18 21.70
C GLY C 153 16.32 5.90 21.75
N ASN C 154 15.57 6.64 22.57
CA ASN C 154 14.15 6.34 22.73
C ASN C 154 13.29 6.91 21.60
N ALA C 155 13.91 7.58 20.62
CA ALA C 155 13.20 8.04 19.43
C ALA C 155 13.55 7.23 18.19
N ASP C 156 14.37 6.18 18.32
CA ASP C 156 14.76 5.41 17.14
C ASP C 156 13.56 4.72 16.52
N GLN C 157 12.75 4.03 17.33
CA GLN C 157 11.56 3.39 16.80
C GLN C 157 10.33 4.18 17.19
N PHE C 158 9.23 3.92 16.50
CA PHE C 158 7.98 4.56 16.89
C PHE C 158 6.81 3.77 16.33
N ASP C 159 5.65 4.00 16.93
CA ASP C 159 4.38 3.47 16.46
C ASP C 159 3.58 4.58 15.78
N THR C 160 2.68 4.19 14.90
CA THR C 160 1.85 5.14 14.19
C THR C 160 0.41 4.96 14.62
N LEU C 161 -0.17 6.05 15.12
CA LEU C 161 -1.50 6.06 15.70
C LEU C 161 -2.37 7.01 14.88
N THR C 162 -3.63 6.65 14.72
CA THR C 162 -4.53 7.48 13.93
C THR C 162 -5.65 8.03 14.79
N SER C 163 -6.31 9.03 14.23
CA SER C 163 -7.52 9.58 14.80
C SER C 163 -8.51 9.76 13.67
N ASP C 164 -9.76 9.43 13.92
CA ASP C 164 -10.89 9.81 13.08
C ASP C 164 -11.52 11.12 13.53
N ALA C 165 -10.93 11.75 14.56
CA ALA C 165 -11.59 12.87 15.23
C ALA C 165 -11.96 13.97 14.24
N LEU C 166 -11.04 14.33 13.35
CA LEU C 166 -11.37 15.42 12.43
C LEU C 166 -12.48 15.02 11.47
N GLY C 167 -12.48 13.76 11.03
CA GLY C 167 -13.51 13.30 10.12
C GLY C 167 -14.91 13.33 10.70
N LEU C 168 -15.03 13.28 12.03
CA LEU C 168 -16.34 13.28 12.64
C LEU C 168 -16.99 14.67 12.64
N VAL C 169 -16.20 15.73 12.50
CA VAL C 169 -16.75 17.08 12.30
C VAL C 169 -16.65 17.51 10.85
N GLY C 170 -16.36 16.58 9.94
CA GLY C 170 -16.34 16.87 8.51
C GLY C 170 -15.03 17.36 7.93
N VAL C 171 -13.91 17.21 8.62
CA VAL C 171 -12.62 17.65 8.08
C VAL C 171 -11.92 16.43 7.49
N PRO C 172 -11.66 16.39 6.15
CA PRO C 172 -11.33 15.13 5.48
C PRO C 172 -10.03 14.45 5.88
N ALA C 173 -8.89 15.11 5.77
CA ALA C 173 -7.62 14.39 5.74
C ALA C 173 -7.42 13.55 6.99
N ALA C 174 -6.92 12.34 6.80
CA ALA C 174 -6.57 11.48 7.92
C ALA C 174 -5.29 11.98 8.59
N VAL C 175 -4.97 11.40 9.74
CA VAL C 175 -4.00 11.99 10.66
C VAL C 175 -3.10 10.87 11.20
N ALA C 176 -1.86 10.83 10.75
CA ALA C 176 -0.87 9.88 11.24
C ALA C 176 -0.13 10.49 12.41
N VAL C 177 -0.26 9.91 13.61
CA VAL C 177 0.43 10.46 14.76
C VAL C 177 1.52 9.48 15.18
N PRO C 178 2.80 9.82 15.00
CA PRO C 178 3.90 8.94 15.46
C PRO C 178 4.07 9.08 16.97
N CYS C 179 4.20 7.95 17.66
CA CYS C 179 4.21 7.91 19.11
C CYS C 179 5.40 7.13 19.63
N MET C 180 5.92 7.56 20.78
CA MET C 180 6.94 6.81 21.47
C MET C 180 6.42 5.42 21.84
N THR C 181 7.29 4.42 21.74
CA THR C 181 6.82 3.05 21.96
C THR C 181 6.49 2.82 23.42
N ILE C 182 5.66 1.81 23.62
CA ILE C 182 5.22 1.47 24.97
C ILE C 182 6.36 1.05 25.88
N PRO C 183 7.29 0.18 25.46
CA PRO C 183 8.44 -0.13 26.33
C PRO C 183 9.20 1.11 26.81
N TRP C 184 9.45 2.09 25.93
CA TRP C 184 10.13 3.30 26.38
C TRP C 184 9.27 4.10 27.34
N GLN C 185 7.96 4.16 27.07
CA GLN C 185 7.11 4.94 27.95
C GLN C 185 7.05 4.32 29.34
N ILE C 186 6.99 2.99 29.40
CA ILE C 186 7.05 2.31 30.70
C ILE C 186 8.35 2.63 31.41
N ALA C 187 9.47 2.52 30.68
CA ALA C 187 10.76 2.84 31.29
C ALA C 187 10.74 4.24 31.91
N GLN C 188 10.28 5.24 31.16
CA GLN C 188 10.32 6.60 31.69
C GLN C 188 9.47 6.74 32.95
N LYS C 189 8.26 6.19 32.93
CA LYS C 189 7.37 6.37 34.10
C LYS C 189 7.79 5.52 35.29
N LEU C 190 8.36 4.32 35.06
CA LEU C 190 8.93 3.60 36.21
C LEU C 190 10.06 4.42 36.85
N HIS C 191 10.95 5.00 36.04
CA HIS C 191 11.95 5.88 36.61
C HIS C 191 11.31 7.03 37.38
N ALA C 192 10.35 7.72 36.75
CA ALA C 192 9.78 8.93 37.36
C ALA C 192 9.02 8.62 38.64
N VAL C 193 8.27 7.51 38.66
CA VAL C 193 7.45 7.23 39.82
C VAL C 193 8.27 6.72 40.99
N THR C 194 9.49 6.23 40.75
CA THR C 194 10.31 5.71 41.84
C THR C 194 11.43 6.65 42.28
N ALA C 195 11.64 7.77 41.61
CA ALA C 195 12.70 8.68 42.02
C ALA C 195 12.40 9.29 43.38
N VAL C 196 13.45 9.51 44.15
CA VAL C 196 13.37 10.13 45.46
C VAL C 196 14.04 11.49 45.36
N LEU C 197 13.30 12.54 45.65
CA LEU C 197 13.81 13.88 45.48
C LEU C 197 14.45 14.38 46.78
N GLU C 198 15.28 15.40 46.66
CA GLU C 198 15.98 15.94 47.82
C GLU C 198 15.04 16.71 48.75
N GLU C 199 15.49 16.84 50.00
CA GLU C 199 14.63 17.24 51.13
C GLU C 199 13.72 18.42 50.87
N PRO C 200 14.09 19.43 50.10
CA PRO C 200 13.10 20.47 49.77
C PRO C 200 11.91 19.92 48.98
N LYS C 201 12.16 19.30 47.82
CA LYS C 201 11.09 18.81 46.97
C LYS C 201 10.62 17.42 47.42
N VAL C 202 9.49 16.99 46.87
CA VAL C 202 8.93 15.67 47.14
C VAL C 202 8.31 15.12 45.86
N ASN C 203 8.48 13.83 45.62
CA ASN C 203 7.86 13.23 44.44
C ASN C 203 6.35 13.31 44.56
N ASP C 204 5.69 13.91 43.57
CA ASP C 204 4.24 14.05 43.57
C ASP C 204 3.54 13.16 42.55
N ARG C 205 4.23 12.20 41.94
CA ARG C 205 3.70 11.59 40.71
C ARG C 205 2.86 10.33 40.98
N ALA C 206 1.92 10.41 41.92
CA ALA C 206 1.06 9.26 42.16
C ALA C 206 0.31 8.85 40.88
N HIS C 207 0.04 9.81 39.98
CA HIS C 207 -0.73 9.48 38.78
C HIS C 207 -0.01 8.52 37.86
N ASP C 208 1.33 8.44 37.98
CA ASP C 208 2.05 7.43 37.20
C ASP C 208 1.57 6.02 37.52
N LEU C 209 1.21 5.76 38.78
CA LEU C 209 0.72 4.42 39.13
C LEU C 209 -0.48 4.05 38.28
N VAL C 210 -1.42 5.00 38.10
CA VAL C 210 -2.54 4.75 37.19
C VAL C 210 -2.03 4.47 35.79
N ASP C 211 -1.18 5.35 35.26
CA ASP C 211 -0.71 5.19 33.87
C ASP C 211 0.04 3.88 33.68
N LEU C 212 0.87 3.49 34.65
CA LEU C 212 1.64 2.24 34.49
C LEU C 212 0.72 1.03 34.43
N GLN C 213 -0.33 0.99 35.27
CA GLN C 213 -1.34 -0.04 35.11
C GLN C 213 -1.96 0.00 33.72
N LEU C 214 -2.25 1.20 33.21
CA LEU C 214 -2.78 1.33 31.87
C LEU C 214 -1.81 0.76 30.84
N LEU C 215 -0.53 1.11 30.96
CA LEU C 215 0.48 0.61 30.03
C LEU C 215 0.67 -0.89 30.16
N GLU C 216 0.70 -1.40 31.39
CA GLU C 216 0.78 -2.85 31.58
C GLU C 216 -0.29 -3.55 30.75
N GLY C 217 -1.50 -2.99 30.75
CA GLY C 217 -2.58 -3.60 30.00
C GLY C 217 -2.32 -3.66 28.51
N LEU C 218 -1.52 -2.74 27.98
CA LEU C 218 -1.29 -2.71 26.53
C LEU C 218 -0.14 -3.58 26.08
N LEU C 219 0.73 -4.03 26.98
CA LEU C 219 2.02 -4.60 26.58
C LEU C 219 1.86 -6.09 26.32
N LEU C 220 2.39 -6.54 25.19
CA LEU C 220 2.46 -7.97 24.88
C LEU C 220 3.60 -8.64 25.63
N ASP C 221 3.35 -9.86 26.11
CA ASP C 221 4.39 -10.59 26.82
C ASP C 221 5.65 -10.77 25.98
N ALA C 222 5.50 -10.78 24.65
CA ALA C 222 6.65 -10.85 23.75
C ALA C 222 7.56 -9.64 23.87
N ASP C 223 7.07 -8.55 24.46
CA ASP C 223 7.82 -7.31 24.59
C ASP C 223 8.37 -7.10 25.99
N LEU C 224 8.23 -8.08 26.89
CA LEU C 224 8.82 -7.95 28.22
C LEU C 224 10.35 -7.84 28.17
N MET C 225 11.01 -8.65 27.35
CA MET C 225 12.46 -8.54 27.24
C MET C 225 12.88 -7.19 26.68
N PRO C 226 12.32 -6.70 25.56
CA PRO C 226 12.67 -5.34 25.12
C PRO C 226 12.38 -4.29 26.20
N THR C 227 11.27 -4.43 26.91
CA THR C 227 10.97 -3.48 27.97
C THR C 227 12.05 -3.50 29.03
N ARG C 228 12.53 -4.71 29.39
CA ARG C 228 13.61 -4.78 30.37
C ARG C 228 14.83 -4.00 29.90
N SER C 229 15.22 -4.18 28.63
CA SER C 229 16.38 -3.45 28.12
C SER C 229 16.11 -1.95 28.10
N ALA C 230 14.90 -1.55 27.69
CA ALA C 230 14.56 -0.13 27.71
C ALA C 230 14.65 0.44 29.12
N CYS C 231 14.14 -0.30 30.10
CA CYS C 231 14.26 0.15 31.48
C CYS C 231 15.73 0.34 31.87
N ILE C 232 16.57 -0.62 31.53
CA ILE C 232 17.97 -0.47 31.89
C ILE C 232 18.55 0.75 31.18
N ALA C 233 18.26 0.92 29.89
CA ALA C 233 18.86 2.04 29.17
C ALA C 233 18.43 3.36 29.76
N ILE C 234 17.13 3.50 30.08
CA ILE C 234 16.65 4.75 30.66
C ILE C 234 17.31 4.98 32.01
N PHE C 235 17.36 3.94 32.85
CA PHE C 235 17.90 4.11 34.20
C PHE C 235 19.39 4.44 34.16
N GLU C 236 20.12 3.83 33.23
CA GLU C 236 21.53 4.20 33.05
C GLU C 236 21.67 5.58 32.43
N ALA C 237 20.87 5.89 31.41
CA ALA C 237 20.98 7.21 30.80
C ALA C 237 20.79 8.32 31.84
N ARG C 238 19.83 8.15 32.76
CA ARG C 238 19.56 9.21 33.72
C ARG C 238 20.59 9.30 34.85
N ALA C 239 21.33 8.23 35.13
CA ALA C 239 22.46 8.33 36.07
C ALA C 239 21.99 8.70 37.48
N GLN C 240 20.99 7.98 37.97
CA GLN C 240 20.31 8.21 39.24
C GLN C 240 20.12 6.83 39.87
N HIS C 241 19.07 6.66 40.66
CA HIS C 241 18.82 5.37 41.30
C HIS C 241 18.88 4.20 40.30
N PRO C 242 19.20 3.01 40.78
CA PRO C 242 19.46 1.89 39.88
C PRO C 242 18.21 1.06 39.60
N TRP C 243 18.29 0.32 38.50
CA TRP C 243 17.30 -0.69 38.16
C TRP C 243 17.65 -2.00 38.88
N PRO C 244 16.66 -2.71 39.42
CA PRO C 244 15.22 -2.41 39.45
C PRO C 244 14.86 -1.65 40.71
N PRO C 245 13.92 -0.72 40.60
CA PRO C 245 13.61 0.18 41.72
C PRO C 245 12.57 -0.42 42.66
N ARG C 246 12.42 0.23 43.81
CA ARG C 246 11.36 -0.07 44.76
C ARG C 246 10.19 0.88 44.54
N VAL C 247 8.98 0.33 44.41
CA VAL C 247 7.79 1.13 44.14
C VAL C 247 7.16 1.44 45.50
N ALA C 248 7.56 2.56 46.08
CA ALA C 248 7.04 3.03 47.36
C ALA C 248 5.94 4.07 47.15
N THR C 249 5.18 4.33 48.20
CA THR C 249 4.21 5.41 48.17
C THR C 249 4.57 6.44 49.24
N LEU C 250 3.92 7.60 49.14
CA LEU C 250 4.19 8.69 50.06
C LEU C 250 2.90 9.15 50.73
N PRO C 251 2.99 9.66 51.95
CA PRO C 251 1.75 9.92 52.72
C PRO C 251 0.76 10.86 52.05
N HIS C 252 1.23 11.78 51.20
CA HIS C 252 0.32 12.74 50.57
C HIS C 252 -0.26 12.23 49.25
N TRP C 253 0.05 11.00 48.84
CA TRP C 253 -0.36 10.44 47.56
C TRP C 253 -1.81 9.93 47.48
N PRO C 254 -2.41 9.43 48.58
CA PRO C 254 -3.76 8.83 48.43
C PRO C 254 -4.80 9.70 47.73
N LEU C 255 -4.98 10.99 48.06
CA LEU C 255 -5.94 11.77 47.27
C LEU C 255 -5.50 11.91 45.82
N ILE C 256 -4.20 12.08 45.60
CA ILE C 256 -3.72 12.29 44.24
C ILE C 256 -4.03 11.07 43.40
N TYR C 257 -3.72 9.88 43.93
CA TYR C 257 -4.03 8.66 43.20
C TYR C 257 -5.53 8.52 42.96
N ALA C 258 -6.33 8.80 43.98
CA ALA C 258 -7.78 8.77 43.80
C ALA C 258 -8.21 9.79 42.76
N GLY C 259 -7.62 10.99 42.79
CA GLY C 259 -7.95 11.95 41.76
C GLY C 259 -7.72 11.40 40.36
N ALA C 260 -6.58 10.71 40.18
CA ALA C 260 -6.20 10.22 38.87
C ALA C 260 -7.04 9.05 38.41
N LEU C 261 -7.70 8.35 39.33
CA LEU C 261 -8.62 7.27 38.99
C LEU C 261 -9.98 7.75 38.49
N GLU C 262 -10.33 9.03 38.63
CA GLU C 262 -11.68 9.48 38.33
C GLU C 262 -12.06 9.17 36.88
N GLY C 263 -13.27 8.62 36.70
CA GLY C 263 -13.77 8.25 35.38
C GLY C 263 -13.26 6.93 34.85
N LEU C 264 -12.44 6.21 35.60
CA LEU C 264 -11.80 4.99 35.12
C LEU C 264 -12.32 3.74 35.84
N ASP C 265 -13.48 3.85 36.50
CA ASP C 265 -14.01 2.75 37.31
C ASP C 265 -14.16 1.49 36.50
N HIS C 266 -14.53 1.61 35.23
CA HIS C 266 -14.82 0.42 34.43
C HIS C 266 -13.57 -0.39 34.12
N LEU C 267 -12.39 0.13 34.43
CA LEU C 267 -11.15 -0.58 34.16
C LEU C 267 -10.71 -1.34 35.40
N GLU C 268 -9.87 -2.35 35.17
CA GLU C 268 -9.34 -3.13 36.28
C GLU C 268 -8.15 -2.37 36.85
N LEU C 269 -8.41 -1.53 37.87
CA LEU C 269 -7.35 -0.73 38.47
C LEU C 269 -7.39 -0.85 39.97
N ALA C 270 -6.20 -0.89 40.59
CA ALA C 270 -6.12 -0.89 42.04
C ALA C 270 -6.90 0.28 42.64
N ARG C 271 -7.68 -0.02 43.66
CA ARG C 271 -8.54 0.99 44.27
C ARG C 271 -7.78 1.93 45.20
N THR C 272 -6.65 1.48 45.75
CA THR C 272 -5.86 2.28 46.68
C THR C 272 -4.43 2.41 46.17
N VAL C 273 -3.75 3.46 46.62
CA VAL C 273 -2.43 3.74 46.07
C VAL C 273 -1.43 2.67 46.50
N ASP C 274 -1.52 2.19 47.75
CA ASP C 274 -0.69 1.06 48.19
C ASP C 274 -0.94 -0.20 47.38
N ALA C 275 -2.20 -0.51 47.08
CA ALA C 275 -2.46 -1.66 46.20
C ALA C 275 -1.91 -1.40 44.81
N ALA C 276 -2.01 -0.16 44.31
CA ALA C 276 -1.46 0.15 43.00
C ALA C 276 0.06 0.01 42.98
N ALA C 277 0.73 0.48 44.04
CA ALA C 277 2.18 0.34 44.13
C ALA C 277 2.59 -1.13 44.13
N GLN C 278 1.81 -1.99 44.80
CA GLN C 278 2.12 -3.42 44.82
C GLN C 278 1.97 -4.03 43.43
N ALA C 279 0.90 -3.66 42.71
CA ALA C 279 0.76 -4.17 41.35
C ALA C 279 1.92 -3.71 40.47
N VAL C 280 2.33 -2.45 40.58
CA VAL C 280 3.41 -1.95 39.74
C VAL C 280 4.72 -2.63 40.12
N GLN C 281 4.91 -2.89 41.42
CA GLN C 281 6.06 -3.68 41.86
C GLN C 281 6.06 -5.07 41.24
N ARG C 282 4.89 -5.72 41.13
CA ARG C 282 4.85 -7.02 40.45
C ARG C 282 5.17 -6.87 38.97
N PHE C 283 4.71 -5.78 38.35
CA PHE C 283 5.10 -5.48 36.98
C PHE C 283 6.63 -5.33 36.86
N VAL C 284 7.26 -4.67 37.83
CA VAL C 284 8.71 -4.50 37.80
C VAL C 284 9.40 -5.86 37.85
N ALA C 285 8.92 -6.74 38.75
CA ALA C 285 9.49 -8.08 38.89
C ALA C 285 9.32 -8.88 37.59
N ARG C 286 8.15 -8.78 36.97
CA ARG C 286 7.95 -9.49 35.71
C ARG C 286 8.90 -8.97 34.63
N ILE C 287 9.11 -7.65 34.59
CA ILE C 287 10.02 -7.09 33.60
C ILE C 287 11.45 -7.55 33.88
N ASP C 288 11.87 -7.47 35.13
CA ASP C 288 13.24 -7.79 35.47
C ASP C 288 13.61 -9.24 35.18
N ARG C 289 12.65 -10.16 35.20
CA ARG C 289 12.95 -11.56 34.94
C ARG C 289 13.00 -11.87 33.46
N ALA C 290 12.50 -10.98 32.59
CA ALA C 290 12.47 -11.24 31.16
C ALA C 290 13.82 -10.88 30.53
N THR C 291 14.76 -11.81 30.64
CA THR C 291 16.15 -11.59 30.15
C THR C 291 16.38 -12.35 28.83
N1 CTP D . 5.23 -13.54 -10.36
C2 CTP D . 4.11 -12.76 -10.59
N3 CTP D . 3.20 -13.14 -11.55
C4 CTP D . 3.44 -14.22 -12.36
C5 CTP D . 4.60 -14.98 -12.16
C6 CTP D . 5.41 -14.70 -11.06
O2 CTP D . 3.88 -11.74 -9.96
N4 CTP D . 2.54 -14.54 -13.29
C1' CTP D . 6.19 -13.09 -9.32
C2' CTP D . 5.92 -13.64 -7.92
O2' CTP D . 6.01 -12.55 -7.01
C3' CTP D . 7.01 -14.68 -7.63
C4' CTP D . 8.13 -14.27 -8.57
O4' CTP D . 7.54 -13.48 -9.62
O3' CTP D . 7.41 -14.62 -6.28
C5' CTP D . 8.98 -15.38 -9.15
O5' CTP D . 8.20 -16.46 -9.57
PA CTP D . 8.99 -17.85 -9.71
O1A CTP D . 8.03 -18.99 -10.00
O2A CTP D . 9.97 -17.65 -10.85
O3A CTP D . 9.71 -18.01 -8.29
PB CTP D . 8.92 -18.19 -6.90
O1B CTP D . 7.43 -18.25 -7.16
O2B CTP D . 9.17 -17.03 -5.98
O3B CTP D . 9.34 -19.64 -6.27
PG CTP D . 9.98 -20.97 -7.01
O1G CTP D . 8.95 -21.97 -7.51
O2G CTP D . 10.90 -21.72 -6.04
O3G CTP D . 10.77 -20.58 -8.24
H5 CTP D . 4.88 -15.77 -12.87
H6 CTP D . 6.19 -15.41 -10.77
HN41 CTP D . 1.70 -13.97 -13.40
HN42 CTP D . 2.69 -15.34 -13.90
H1' CTP D . 6.05 -12.01 -9.32
H2' CTP D . 4.94 -14.10 -7.82
HO2' CTP D . 6.88 -12.57 -6.56
H3' CTP D . 6.67 -15.70 -7.77
H4' CTP D . 8.86 -13.71 -7.97
HO3' CTP D . 8.21 -14.05 -6.20
H5'1 CTP D . 9.70 -15.72 -8.40
H5'2 CTP D . 9.55 -14.99 -10.00
N1 CTP E . -20.01 0.92 -15.81
C2 CTP E . -21.11 1.71 -15.47
N3 CTP E . -21.65 1.66 -14.21
C4 CTP E . -21.07 0.86 -13.27
C5 CTP E . -19.96 0.07 -13.59
C6 CTP E . -19.49 0.04 -14.91
O2 CTP E . -21.60 2.45 -16.30
N4 CTP E . -21.57 0.84 -12.04
C1' CTP E . -19.52 1.02 -17.19
C2' CTP E . -18.45 2.11 -17.43
O2' CTP E . -18.78 2.69 -18.67
C3' CTP E . -17.09 1.43 -17.50
C4' CTP E . -17.50 0.06 -18.00
O4' CTP E . -18.89 -0.15 -17.67
O3' CTP E . -16.24 2.11 -18.37
C5' CTP E . -16.75 -1.14 -17.45
O5' CTP E . -16.33 -0.94 -16.13
PA CTP E . -15.02 -1.72 -15.69
O1A CTP E . -14.74 -1.48 -14.23
O2A CTP E . -15.22 -3.16 -16.06
O3A CTP E . -13.80 -1.26 -16.61
PB CTP E . -13.18 0.20 -16.81
O1B CTP E . -13.68 1.18 -15.78
O2B CTP E . -13.67 0.63 -18.16
O3B CTP E . -11.55 -0.13 -16.69
PG CTP E . -10.77 -1.12 -15.57
O1G CTP E . -10.87 -0.64 -14.13
O2G CTP E . -9.29 -1.16 -15.81
O3G CTP E . -11.25 -2.58 -15.49
H5 CTP E . -19.45 -0.52 -12.82
H6 CTP E . -18.74 -0.68 -15.21
HN41 CTP E . -22.38 1.41 -11.81
HN42 CTP E . -21.16 0.24 -11.32
H1' CTP E . -20.44 1.25 -17.73
H2' CTP E . -18.44 2.87 -16.63
HO2' CTP E . -18.31 2.21 -19.39
H3' CTP E . -16.53 1.41 -16.57
H4' CTP E . -17.26 0.09 -19.06
HO3' CTP E . -16.48 1.89 -19.30
H5'1 CTP E . -15.88 -1.35 -18.07
H5'2 CTP E . -17.40 -2.02 -17.48
N1 CTP F . 8.68 12.27 32.51
C2 CTP F . 9.80 11.50 32.74
N3 CTP F . 10.45 11.60 33.94
C4 CTP F . 9.99 12.49 34.90
C5 CTP F . 8.89 13.28 34.66
C6 CTP F . 8.23 13.17 33.44
O2 CTP F . 10.24 10.69 31.89
N4 CTP F . 10.64 12.57 36.07
C1' CTP F . 8.01 12.20 31.20
C2' CTP F . 6.97 11.07 31.19
O2' CTP F . 7.15 10.38 29.98
C3' CTP F . 5.59 11.71 31.22
C4' CTP F . 5.88 13.11 30.66
O4' CTP F . 7.27 13.37 30.84
O3' CTP F . 4.72 10.92 30.45
C5' CTP F . 5.10 14.28 31.28
O5' CTP F . 4.94 14.17 32.67
PA CTP F . 3.70 15.02 33.31
O1A CTP F . 4.04 16.49 33.19
O2A CTP F . 3.47 14.62 34.74
O3A CTP F . 2.46 14.67 32.33
PB CTP F . 1.85 13.18 32.20
O1B CTP F . 2.15 12.65 30.80
O2B CTP F . 2.47 12.24 33.21
O3B CTP F . 0.28 13.39 32.56
PG CTP F . -0.34 14.68 33.41
O1G CTP F . -1.53 15.27 32.64
O2G CTP F . -0.84 14.31 34.79
O3G CTP F . 0.69 15.78 33.59
H5 CTP F . 8.54 13.98 35.42
H6 CTP F . 7.37 13.79 33.24
HN41 CTP F . 11.44 11.99 36.24
HN42 CTP F . 10.31 13.22 36.77
H1' CTP F . 8.83 12.05 30.49
H2' CTP F . 7.09 10.40 32.04
HO2' CTP F . 6.28 10.24 29.55
H3' CTP F . 5.09 11.76 32.18
H4' CTP F . 5.55 13.07 29.63
HO3' CTP F . 4.70 11.26 29.53
H5'1 CTP F . 4.12 14.32 30.80
H5'2 CTP F . 5.64 15.20 31.05
#